data_1PRH
#
_entry.id   1PRH
#
_cell.length_a   99.400
_cell.length_b   210.300
_cell.length_c   233.100
_cell.angle_alpha   90.00
_cell.angle_beta   90.00
_cell.angle_gamma   90.00
#
_symmetry.space_group_name_H-M   'I 2 2 2'
#
loop_
_entity.id
_entity.type
_entity.pdbx_description
1 polymer 'PROSTAGLANDIN H2 SYNTHASE-1'
2 non-polymer 'PROTOPORPHYRIN IX CONTAINING FE'
#
_entity_poly.entity_id   1
_entity_poly.type   'polypeptide(L)'
_entity_poly.pdbx_seq_one_letter_code
;VNPCCYYPCQHQGICVRFGLDRYQCDCTRTGYSGPNCTIPEIWTWLRTTLRPSPSFIHFLLTHGRWLWDFVNATFIRDTL
MRLVLTVRSNLIPSPPTYNIAHDYISWESFSNVSYYTRILPSVPRDCPTPMGTKGKKQLPDAEFLSRRFLLRRKFIPDPQ
GTNLMFAFFAQHFTHQFFKTSGKMGPGFTKALGHGVDLGHIYGDNLERQYQLRLFKDGKLKYQMLNGEVYPPSVEEAPVL
MHYPRGIPPQSQMAVGQEVFGLLPGLMLYATIWLREHQRVCDLLKAEHPTWGDEQLFQTAKLILIGETIKIVIEEYVQQL
SGYFLQLKFDPELLFGAQFQYRNRIAMEFNQLYHWHPLMPDSFRVGPQDYSYEQFLFNTSMLVDYGVEALVDAFSRQPAG
RIGGGRNIDHHILHVAVDVIKESRVLRLQPFNEYRKRFGMKPYTSFQELTGEKEMAAELEELYGDIDALEFYPGLLLEKC
HPNSIFGESMIEMGAPFSLKGLLGNPICSPEYWKASTFGGEVGFNLVKTATLKKLVCLNTKTCPYVSFHVPDPR
;
_entity_poly.pdbx_strand_id   A,B
#
loop_
_chem_comp.id
_chem_comp.type
_chem_comp.name
_chem_comp.formula
HEM non-polymer 'PROTOPORPHYRIN IX CONTAINING FE' 'C34 H32 Fe N4 O4'
#
# COMPACT_ATOMS: atom_id res chain seq x y z
N VAL A 1 6.84 8.14 -37.28
CA VAL A 1 7.62 6.96 -36.89
C VAL A 1 7.26 6.93 -35.41
N ASN A 2 7.21 5.74 -34.81
CA ASN A 2 6.80 5.47 -33.44
C ASN A 2 5.29 5.42 -33.47
N PRO A 3 4.77 4.19 -33.57
CA PRO A 3 3.37 3.91 -33.74
C PRO A 3 2.55 4.44 -32.58
N CYS A 4 3.08 4.34 -31.37
CA CYS A 4 2.35 4.75 -30.19
C CYS A 4 2.07 6.24 -30.19
N CYS A 5 2.68 7.08 -31.05
CA CYS A 5 2.32 8.48 -31.16
C CYS A 5 0.91 8.71 -31.69
N TYR A 6 0.35 7.70 -32.35
CA TYR A 6 -0.97 7.78 -32.93
C TYR A 6 -2.02 7.34 -31.95
N TYR A 7 -1.63 7.05 -30.72
CA TYR A 7 -2.53 6.59 -29.68
C TYR A 7 -3.44 5.47 -30.17
N PRO A 8 -2.87 4.39 -30.74
CA PRO A 8 -3.59 3.38 -31.51
C PRO A 8 -4.56 2.51 -30.74
N CYS A 9 -4.21 2.21 -29.48
CA CYS A 9 -4.95 1.29 -28.66
C CYS A 9 -6.02 2.02 -27.87
N GLN A 10 -7.19 1.62 -28.34
CA GLN A 10 -8.46 2.11 -27.85
C GLN A 10 -8.83 1.45 -26.55
N HIS A 11 -9.91 1.88 -25.88
CA HIS A 11 -10.41 1.29 -24.63
C HIS A 11 -9.38 0.83 -23.60
N GLN A 12 -8.42 1.74 -23.49
CA GLN A 12 -7.27 1.68 -22.60
C GLN A 12 -6.41 0.41 -22.69
N GLY A 13 -6.34 -0.13 -23.90
CA GLY A 13 -5.41 -1.20 -24.14
C GLY A 13 -4.03 -0.57 -24.13
N ILE A 14 -2.95 -1.31 -23.98
CA ILE A 14 -1.67 -0.63 -23.89
C ILE A 14 -0.72 -0.92 -25.05
N CYS A 15 -0.22 0.17 -25.64
CA CYS A 15 0.62 0.15 -26.83
C CYS A 15 2.06 -0.16 -26.48
N VAL A 16 2.44 -1.41 -26.66
CA VAL A 16 3.82 -1.75 -26.48
C VAL A 16 4.47 -1.77 -27.86
N ARG A 17 5.52 -0.97 -27.88
CA ARG A 17 6.33 -0.77 -29.05
C ARG A 17 7.15 -2.02 -29.27
N PHE A 18 7.04 -2.63 -30.42
CA PHE A 18 7.86 -3.80 -30.67
C PHE A 18 9.00 -3.46 -31.63
N GLY A 19 9.69 -4.47 -32.18
CA GLY A 19 10.88 -4.26 -32.97
C GLY A 19 10.93 -3.06 -33.90
N LEU A 20 11.53 -1.96 -33.46
CA LEU A 20 11.78 -0.82 -34.33
C LEU A 20 10.55 -0.18 -34.99
N ASP A 21 10.21 -0.71 -36.15
CA ASP A 21 9.15 -0.18 -36.97
C ASP A 21 7.76 -0.57 -36.51
N ARG A 22 7.57 -1.63 -35.71
CA ARG A 22 6.21 -2.05 -35.42
C ARG A 22 5.82 -1.89 -33.95
N TYR A 23 4.55 -2.20 -33.58
CA TYR A 23 4.03 -2.07 -32.21
C TYR A 23 2.96 -3.15 -32.01
N GLN A 24 2.35 -3.21 -30.81
CA GLN A 24 1.26 -4.12 -30.49
C GLN A 24 0.38 -3.55 -29.39
N CYS A 25 -0.94 -3.74 -29.48
CA CYS A 25 -1.83 -3.29 -28.42
C CYS A 25 -2.15 -4.44 -27.51
N ASP A 26 -1.97 -4.28 -26.20
CA ASP A 26 -2.33 -5.34 -25.30
C ASP A 26 -3.74 -5.10 -24.79
N CYS A 27 -4.73 -5.79 -25.33
CA CYS A 27 -6.11 -5.60 -24.90
C CYS A 27 -6.48 -6.52 -23.75
N THR A 28 -5.57 -6.90 -22.85
CA THR A 28 -5.93 -7.88 -21.83
C THR A 28 -6.99 -7.28 -20.94
N ARG A 29 -8.08 -8.04 -20.99
CA ARG A 29 -9.33 -7.75 -20.34
C ARG A 29 -9.77 -6.28 -20.37
N THR A 30 -9.88 -5.81 -21.61
CA THR A 30 -10.41 -4.47 -21.89
C THR A 30 -11.88 -4.54 -22.30
N GLY A 31 -12.29 -5.74 -22.69
CA GLY A 31 -13.63 -5.97 -23.18
C GLY A 31 -13.63 -5.97 -24.71
N TYR A 32 -12.55 -5.51 -25.33
CA TYR A 32 -12.44 -5.43 -26.77
C TYR A 32 -11.32 -6.32 -27.24
N SER A 33 -11.33 -6.58 -28.54
CA SER A 33 -10.33 -7.46 -29.15
C SER A 33 -9.75 -6.89 -30.42
N GLY A 34 -8.83 -7.64 -31.00
CA GLY A 34 -8.23 -7.29 -32.27
C GLY A 34 -7.15 -6.24 -32.14
N PRO A 35 -6.47 -5.86 -33.22
CA PRO A 35 -5.16 -5.24 -33.18
C PRO A 35 -5.10 -3.85 -32.59
N ASN A 36 -6.20 -3.09 -32.57
CA ASN A 36 -6.16 -1.79 -31.95
C ASN A 36 -7.11 -1.79 -30.78
N CYS A 37 -7.57 -2.98 -30.31
CA CYS A 37 -8.53 -3.19 -29.23
C CYS A 37 -9.81 -2.44 -29.47
N THR A 38 -10.54 -2.91 -30.47
CA THR A 38 -11.70 -2.21 -30.98
C THR A 38 -12.94 -3.08 -31.24
N ILE A 39 -12.85 -4.40 -31.28
CA ILE A 39 -14.01 -5.20 -31.61
C ILE A 39 -14.60 -5.56 -30.27
N PRO A 40 -15.83 -5.16 -29.96
CA PRO A 40 -16.44 -5.34 -28.65
C PRO A 40 -16.90 -6.76 -28.37
N GLU A 41 -16.65 -7.39 -27.20
CA GLU A 41 -17.31 -8.67 -26.88
C GLU A 41 -18.81 -8.34 -26.82
N ILE A 42 -19.70 -9.30 -27.05
CA ILE A 42 -21.11 -8.96 -27.08
C ILE A 42 -21.65 -8.28 -25.82
N TRP A 43 -21.08 -8.65 -24.68
CA TRP A 43 -21.43 -8.01 -23.43
C TRP A 43 -20.95 -6.57 -23.41
N THR A 44 -19.66 -6.37 -23.66
CA THR A 44 -19.00 -5.08 -23.73
C THR A 44 -19.85 -4.12 -24.54
N TRP A 45 -20.17 -4.65 -25.72
CA TRP A 45 -20.99 -3.96 -26.67
C TRP A 45 -22.31 -3.48 -26.07
N LEU A 46 -23.11 -4.46 -25.67
CA LEU A 46 -24.45 -4.21 -25.19
C LEU A 46 -24.49 -3.19 -24.07
N ARG A 47 -23.53 -3.29 -23.17
CA ARG A 47 -23.42 -2.39 -22.06
C ARG A 47 -23.25 -0.98 -22.61
N THR A 48 -22.20 -0.78 -23.39
CA THR A 48 -21.89 0.53 -23.90
C THR A 48 -23.03 1.10 -24.72
N THR A 49 -23.70 0.28 -25.54
CA THR A 49 -24.76 0.82 -26.36
C THR A 49 -25.96 1.22 -25.52
N LEU A 50 -26.18 0.54 -24.39
CA LEU A 50 -27.30 0.90 -23.56
C LEU A 50 -26.97 2.00 -22.58
N ARG A 51 -25.68 2.29 -22.34
CA ARG A 51 -25.30 3.33 -21.38
C ARG A 51 -25.91 4.69 -21.79
N PRO A 52 -26.73 5.33 -20.94
CA PRO A 52 -27.37 6.61 -21.24
C PRO A 52 -26.36 7.76 -21.31
N SER A 53 -26.66 8.86 -21.99
CA SER A 53 -25.73 9.98 -22.08
C SER A 53 -25.39 10.57 -20.71
N PRO A 54 -24.13 10.90 -20.38
CA PRO A 54 -23.73 11.59 -19.18
C PRO A 54 -24.54 12.85 -18.93
N SER A 55 -24.60 13.72 -19.92
CA SER A 55 -25.38 14.93 -19.87
C SER A 55 -26.83 14.62 -19.46
N PHE A 56 -27.36 13.46 -19.87
CA PHE A 56 -28.70 13.03 -19.50
C PHE A 56 -28.77 12.57 -18.05
N ILE A 57 -27.84 11.72 -17.60
CA ILE A 57 -27.81 11.21 -16.24
C ILE A 57 -27.80 12.40 -15.29
N HIS A 58 -27.04 13.44 -15.65
CA HIS A 58 -26.96 14.65 -14.86
C HIS A 58 -28.32 15.24 -14.63
N PHE A 59 -29.10 15.33 -15.71
CA PHE A 59 -30.42 15.86 -15.59
C PHE A 59 -31.27 14.97 -14.71
N LEU A 60 -31.12 13.67 -14.73
CA LEU A 60 -31.91 12.85 -13.83
C LEU A 60 -31.55 13.14 -12.40
N LEU A 61 -30.29 13.36 -12.10
CA LEU A 61 -29.95 13.72 -10.75
C LEU A 61 -30.41 15.13 -10.42
N THR A 62 -30.96 15.90 -11.39
CA THR A 62 -31.54 17.24 -11.20
C THR A 62 -32.89 17.43 -11.95
N HIS A 63 -33.63 16.34 -11.80
CA HIS A 63 -35.00 16.15 -12.24
C HIS A 63 -35.79 16.30 -10.94
N GLY A 64 -37.07 15.92 -10.90
CA GLY A 64 -37.95 16.21 -9.79
C GLY A 64 -37.60 15.78 -8.37
N ARG A 65 -37.11 16.76 -7.59
CA ARG A 65 -36.81 16.59 -6.17
C ARG A 65 -37.86 15.76 -5.42
N TRP A 66 -39.16 15.76 -5.79
CA TRP A 66 -40.14 14.89 -5.14
C TRP A 66 -39.72 13.43 -5.21
N LEU A 67 -39.43 12.96 -6.43
CA LEU A 67 -39.09 11.59 -6.65
C LEU A 67 -37.83 11.31 -5.88
N TRP A 68 -36.87 12.25 -5.92
CA TRP A 68 -35.65 12.05 -5.17
C TRP A 68 -35.87 12.13 -3.68
N ASP A 69 -36.89 12.79 -3.14
CA ASP A 69 -37.12 12.73 -1.71
C ASP A 69 -37.59 11.36 -1.36
N PHE A 70 -38.43 10.79 -2.21
CA PHE A 70 -38.85 9.43 -2.01
C PHE A 70 -37.69 8.48 -2.16
N VAL A 71 -36.87 8.53 -3.22
CA VAL A 71 -35.74 7.61 -3.41
C VAL A 71 -34.77 7.78 -2.24
N ASN A 72 -34.52 9.00 -1.80
CA ASN A 72 -33.68 9.21 -0.64
C ASN A 72 -34.25 8.62 0.61
N ALA A 73 -35.54 8.33 0.66
CA ALA A 73 -36.15 7.78 1.87
C ALA A 73 -36.20 6.27 1.91
N THR A 74 -35.81 5.68 0.79
CA THR A 74 -35.84 4.24 0.71
C THR A 74 -34.40 3.78 0.74
N PHE A 75 -34.24 2.47 0.58
CA PHE A 75 -32.92 1.90 0.46
C PHE A 75 -32.30 2.21 -0.89
N ILE A 76 -33.05 2.65 -1.91
CA ILE A 76 -32.44 2.95 -3.19
C ILE A 76 -31.35 4.01 -3.03
N ARG A 77 -31.44 4.91 -2.06
CA ARG A 77 -30.37 5.83 -1.73
C ARG A 77 -29.06 5.06 -1.66
N ASP A 78 -29.09 4.01 -0.84
CA ASP A 78 -27.94 3.15 -0.61
C ASP A 78 -27.56 2.41 -1.85
N THR A 79 -28.50 1.94 -2.65
CA THR A 79 -28.13 1.20 -3.84
C THR A 79 -27.41 2.10 -4.81
N LEU A 80 -27.99 3.25 -5.10
CA LEU A 80 -27.40 4.15 -6.05
C LEU A 80 -26.09 4.60 -5.47
N MET A 81 -25.99 4.86 -4.17
CA MET A 81 -24.74 5.30 -3.57
C MET A 81 -23.68 4.24 -3.72
N ARG A 82 -24.01 2.97 -3.56
CA ARG A 82 -23.05 1.89 -3.71
C ARG A 82 -22.57 1.87 -5.14
N LEU A 83 -23.55 1.93 -6.00
CA LEU A 83 -23.30 1.90 -7.40
C LEU A 83 -22.47 3.09 -7.84
N VAL A 84 -22.63 4.29 -7.32
CA VAL A 84 -21.80 5.42 -7.71
C VAL A 84 -20.39 5.07 -7.35
N LEU A 85 -20.21 4.60 -6.12
CA LEU A 85 -18.93 4.20 -5.60
C LEU A 85 -18.26 3.18 -6.47
N THR A 86 -18.90 2.07 -6.82
CA THR A 86 -18.23 1.01 -7.55
C THR A 86 -17.83 1.41 -8.94
N VAL A 87 -18.84 1.89 -9.63
CA VAL A 87 -18.75 2.33 -11.00
C VAL A 87 -17.73 3.42 -11.17
N ARG A 88 -17.81 4.47 -10.39
CA ARG A 88 -16.87 5.55 -10.55
C ARG A 88 -15.50 5.03 -10.15
N SER A 89 -15.33 4.34 -9.02
CA SER A 89 -14.03 3.85 -8.58
C SER A 89 -13.36 2.92 -9.54
N ASN A 90 -14.08 2.17 -10.36
CA ASN A 90 -13.41 1.23 -11.21
C ASN A 90 -12.54 1.89 -12.24
N LEU A 91 -12.80 3.14 -12.60
CA LEU A 91 -11.99 3.80 -13.59
C LEU A 91 -10.57 4.13 -13.14
N ILE A 92 -10.23 4.06 -11.86
CA ILE A 92 -8.89 4.37 -11.43
C ILE A 92 -8.13 3.07 -11.12
N PRO A 93 -6.99 2.79 -11.77
CA PRO A 93 -6.19 1.59 -11.57
C PRO A 93 -5.69 1.34 -10.16
N SER A 94 -5.78 0.12 -9.62
CA SER A 94 -5.16 -0.15 -8.34
C SER A 94 -4.62 -1.55 -8.39
N PRO A 95 -3.36 -1.80 -8.04
CA PRO A 95 -2.29 -0.86 -7.78
C PRO A 95 -1.94 0.19 -8.83
N PRO A 96 -1.18 1.25 -8.54
CA PRO A 96 -0.88 2.33 -9.46
C PRO A 96 -0.15 1.85 -10.68
N THR A 97 -0.20 2.60 -11.75
CA THR A 97 0.52 2.17 -12.91
C THR A 97 1.78 2.99 -13.19
N TYR A 98 1.68 4.12 -13.90
CA TYR A 98 2.83 4.88 -14.41
C TYR A 98 3.27 6.09 -13.58
N ASN A 99 4.25 6.88 -14.01
CA ASN A 99 4.71 8.12 -13.38
C ASN A 99 5.60 8.89 -14.35
N ILE A 100 6.10 10.13 -14.16
CA ILE A 100 6.90 10.80 -15.21
C ILE A 100 8.07 9.99 -15.74
N ALA A 101 8.71 9.24 -14.86
CA ALA A 101 9.86 8.46 -15.21
C ALA A 101 9.45 7.24 -15.96
N HIS A 102 8.30 6.61 -15.74
CA HIS A 102 7.98 5.36 -16.41
C HIS A 102 6.62 5.24 -17.07
N ASP A 103 6.59 5.08 -18.40
CA ASP A 103 5.36 4.85 -19.15
C ASP A 103 5.22 3.36 -19.46
N TYR A 104 5.40 2.57 -18.40
CA TYR A 104 5.26 1.12 -18.36
C TYR A 104 5.09 0.74 -16.89
N ILE A 105 4.67 -0.47 -16.49
CA ILE A 105 4.55 -0.74 -15.06
C ILE A 105 5.95 -1.15 -14.64
N SER A 106 6.38 -0.74 -13.45
CA SER A 106 7.67 -1.13 -12.99
C SER A 106 7.57 -1.26 -11.49
N TRP A 107 8.54 -1.92 -10.91
CA TRP A 107 8.31 -2.05 -9.46
C TRP A 107 8.55 -0.70 -8.77
N GLU A 108 9.47 0.04 -9.36
CA GLU A 108 9.87 1.36 -8.84
C GLU A 108 8.68 2.31 -8.82
N SER A 109 8.00 2.37 -9.94
CA SER A 109 6.81 3.20 -10.06
C SER A 109 5.82 2.74 -9.02
N PHE A 110 5.95 1.48 -8.69
CA PHE A 110 5.06 0.89 -7.73
C PHE A 110 5.41 1.21 -6.28
N SER A 111 6.69 1.32 -6.01
CA SER A 111 7.17 1.62 -4.65
C SER A 111 7.72 3.05 -4.59
N ASN A 112 8.32 3.90 -5.33
CA ASN A 112 8.93 5.21 -5.00
C ASN A 112 7.68 6.04 -4.97
N VAL A 113 7.26 6.29 -3.75
CA VAL A 113 6.01 6.93 -3.51
C VAL A 113 6.12 8.45 -3.43
N SER A 114 7.24 9.00 -3.87
CA SER A 114 7.34 10.43 -4.01
C SER A 114 6.91 10.61 -5.47
N TYR A 115 5.79 10.15 -6.03
CA TYR A 115 5.72 10.23 -7.47
C TYR A 115 4.53 10.67 -8.27
N TYR A 116 3.32 10.45 -7.80
CA TYR A 116 2.12 10.78 -8.57
C TYR A 116 1.96 9.86 -9.78
N THR A 117 0.97 8.98 -9.76
CA THR A 117 0.72 8.17 -10.91
C THR A 117 0.06 9.08 -11.89
N ARG A 118 0.19 8.73 -13.15
CA ARG A 118 -0.57 9.38 -14.17
C ARG A 118 -1.41 8.22 -14.65
N ILE A 119 -2.62 8.42 -15.13
CA ILE A 119 -3.36 7.27 -15.59
C ILE A 119 -3.18 6.99 -17.07
N LEU A 120 -2.67 7.99 -17.79
CA LEU A 120 -2.37 7.85 -19.19
C LEU A 120 -0.93 8.29 -19.32
N PRO A 121 -0.06 7.57 -20.02
CA PRO A 121 1.33 7.87 -20.27
C PRO A 121 1.63 9.16 -20.99
N SER A 122 2.90 9.51 -21.06
CA SER A 122 3.35 10.73 -21.70
C SER A 122 3.12 10.65 -23.19
N VAL A 123 3.05 11.81 -23.83
CA VAL A 123 3.10 11.88 -25.26
C VAL A 123 4.56 11.51 -25.46
N PRO A 124 4.87 10.45 -26.19
CA PRO A 124 6.21 9.99 -26.42
C PRO A 124 7.05 11.12 -26.95
N ARG A 125 8.18 11.37 -26.27
CA ARG A 125 9.12 12.45 -26.63
C ARG A 125 9.73 12.43 -28.04
N ASP A 126 9.35 11.48 -28.88
CA ASP A 126 9.84 11.36 -30.24
C ASP A 126 8.67 11.53 -31.22
N CYS A 127 7.55 12.09 -30.78
CA CYS A 127 6.44 12.32 -31.69
C CYS A 127 6.68 13.57 -32.52
N PRO A 128 6.14 13.68 -33.74
CA PRO A 128 6.13 14.88 -34.53
C PRO A 128 5.54 16.09 -33.81
N THR A 129 4.26 16.11 -33.43
CA THR A 129 3.79 17.27 -32.72
C THR A 129 4.15 16.97 -31.29
N PRO A 130 4.32 17.98 -30.45
CA PRO A 130 4.34 17.84 -29.01
C PRO A 130 3.08 17.23 -28.44
N MET A 131 2.05 16.96 -29.24
CA MET A 131 0.87 16.33 -28.73
C MET A 131 0.66 15.00 -29.40
N GLY A 132 1.67 14.48 -30.06
CA GLY A 132 1.54 13.19 -30.71
C GLY A 132 1.65 13.41 -32.20
N THR A 133 0.51 13.33 -32.83
CA THR A 133 0.47 13.47 -34.25
C THR A 133 -0.15 14.75 -34.77
N LYS A 134 -1.31 15.05 -34.20
CA LYS A 134 -2.08 16.15 -34.71
C LYS A 134 -1.66 17.40 -33.98
N GLY A 135 -2.00 18.55 -34.54
CA GLY A 135 -1.77 19.80 -33.83
C GLY A 135 -0.67 20.62 -34.45
N LYS A 136 -0.56 21.85 -33.96
CA LYS A 136 0.49 22.73 -34.43
C LYS A 136 1.78 22.18 -33.86
N LYS A 137 2.76 22.43 -34.69
CA LYS A 137 4.15 22.05 -34.47
C LYS A 137 4.75 22.54 -33.16
N GLN A 138 4.11 23.49 -32.49
CA GLN A 138 4.63 24.14 -31.30
C GLN A 138 3.40 24.71 -30.56
N LEU A 139 3.21 24.48 -29.25
CA LEU A 139 1.95 24.88 -28.63
C LEU A 139 1.81 26.36 -28.37
N PRO A 140 0.55 26.83 -28.29
CA PRO A 140 0.17 28.17 -27.87
C PRO A 140 0.93 28.70 -26.69
N ASP A 141 1.25 29.98 -26.70
CA ASP A 141 1.96 30.56 -25.59
C ASP A 141 1.06 30.60 -24.36
N ALA A 142 1.44 29.88 -23.30
CA ALA A 142 0.65 29.78 -22.09
C ALA A 142 0.16 31.09 -21.54
N GLU A 143 1.11 32.01 -21.45
CA GLU A 143 0.88 33.36 -21.00
C GLU A 143 -0.32 33.94 -21.72
N PHE A 144 -0.26 33.80 -23.04
CA PHE A 144 -1.31 34.27 -23.91
C PHE A 144 -2.64 33.54 -23.64
N LEU A 145 -2.79 32.23 -23.74
CA LEU A 145 -4.07 31.56 -23.53
C LEU A 145 -4.76 31.94 -22.23
N SER A 146 -3.92 32.12 -21.22
CA SER A 146 -4.46 32.46 -19.95
C SER A 146 -5.00 33.86 -19.96
N ARG A 147 -4.26 34.86 -20.48
CA ARG A 147 -4.75 36.23 -20.51
C ARG A 147 -5.99 36.36 -21.42
N ARG A 148 -5.93 35.67 -22.55
CA ARG A 148 -6.94 35.74 -23.57
C ARG A 148 -8.23 35.01 -23.20
N PHE A 149 -8.13 33.84 -22.60
CA PHE A 149 -9.31 33.05 -22.31
C PHE A 149 -9.56 32.75 -20.85
N LEU A 150 -8.57 32.63 -19.99
CA LEU A 150 -8.83 32.19 -18.62
C LEU A 150 -9.14 33.32 -17.68
N LEU A 151 -8.54 34.44 -17.99
CA LEU A 151 -8.64 35.64 -17.20
C LEU A 151 -10.01 36.26 -16.99
N ARG A 152 -10.27 36.60 -15.72
CA ARG A 152 -11.53 37.20 -15.36
C ARG A 152 -11.65 38.57 -15.97
N ARG A 153 -12.73 38.64 -16.74
CA ARG A 153 -13.14 39.87 -17.40
C ARG A 153 -14.13 40.59 -16.47
N LYS A 154 -15.22 39.91 -16.10
CA LYS A 154 -16.25 40.44 -15.21
C LYS A 154 -16.55 39.24 -14.35
N PHE A 155 -16.74 39.39 -13.04
CA PHE A 155 -16.94 38.26 -12.15
C PHE A 155 -18.20 37.47 -12.41
N ILE A 156 -18.08 36.19 -12.68
CA ILE A 156 -19.28 35.39 -12.83
C ILE A 156 -19.41 34.55 -11.55
N PRO A 157 -20.39 34.76 -10.68
CA PRO A 157 -20.61 33.94 -9.52
C PRO A 157 -21.02 32.53 -9.92
N ASP A 158 -20.80 31.54 -9.05
CA ASP A 158 -21.28 30.22 -9.34
C ASP A 158 -22.77 30.18 -9.12
N PRO A 159 -23.52 29.71 -10.11
CA PRO A 159 -24.94 29.51 -10.04
C PRO A 159 -25.41 28.57 -8.96
N GLN A 160 -24.67 27.51 -8.64
CA GLN A 160 -25.08 26.59 -7.59
C GLN A 160 -25.09 27.26 -6.24
N GLY A 161 -24.43 28.40 -6.09
CA GLY A 161 -24.50 29.19 -4.87
C GLY A 161 -23.47 28.80 -3.86
N THR A 162 -22.32 28.44 -4.36
CA THR A 162 -21.21 28.04 -3.54
C THR A 162 -20.67 29.30 -2.94
N ASN A 163 -20.15 29.18 -1.73
CA ASN A 163 -19.62 30.33 -1.05
C ASN A 163 -18.15 30.18 -0.78
N LEU A 164 -17.54 31.12 -0.09
CA LEU A 164 -16.13 30.99 0.16
C LEU A 164 -15.89 29.99 1.26
N MET A 165 -16.80 29.64 2.15
CA MET A 165 -16.53 28.60 3.15
C MET A 165 -16.15 27.32 2.43
N PHE A 166 -16.85 27.07 1.32
CA PHE A 166 -16.57 25.98 0.45
C PHE A 166 -15.27 26.28 -0.24
N ALA A 167 -15.06 27.42 -0.87
CA ALA A 167 -13.83 27.69 -1.58
C ALA A 167 -12.62 27.38 -0.75
N PHE A 168 -12.64 27.82 0.50
CA PHE A 168 -11.53 27.61 1.37
C PHE A 168 -11.49 26.20 1.92
N PHE A 169 -12.59 25.51 2.16
CA PHE A 169 -12.56 24.14 2.61
C PHE A 169 -11.81 23.36 1.57
N ALA A 170 -12.21 23.54 0.32
CA ALA A 170 -11.60 22.88 -0.80
C ALA A 170 -10.12 23.16 -0.88
N GLN A 171 -9.70 24.37 -0.56
CA GLN A 171 -8.30 24.71 -0.65
C GLN A 171 -7.59 23.91 0.41
N HIS A 172 -8.01 24.06 1.65
CA HIS A 172 -7.41 23.37 2.76
C HIS A 172 -7.27 21.86 2.53
N PHE A 173 -8.41 21.26 2.17
CA PHE A 173 -8.54 19.85 1.99
C PHE A 173 -7.54 19.40 0.97
N THR A 174 -7.64 19.94 -0.21
CA THR A 174 -6.76 19.61 -1.29
C THR A 174 -5.28 19.71 -0.97
N HIS A 175 -4.88 20.63 -0.13
CA HIS A 175 -3.49 20.83 0.16
C HIS A 175 -2.86 19.83 1.12
N GLN A 176 -3.56 18.74 1.45
CA GLN A 176 -2.99 17.69 2.26
C GLN A 176 -2.51 16.59 1.37
N PHE A 177 -2.96 16.53 0.12
CA PHE A 177 -2.43 15.52 -0.78
C PHE A 177 -1.77 16.11 -2.00
N PHE A 178 -1.97 17.39 -2.30
CA PHE A 178 -1.26 17.99 -3.39
C PHE A 178 -0.21 18.83 -2.74
N LYS A 179 1.02 18.39 -2.89
CA LYS A 179 2.15 19.13 -2.37
C LYS A 179 3.27 18.83 -3.35
N THR A 180 3.31 19.47 -4.51
CA THR A 180 4.35 19.22 -5.47
C THR A 180 5.66 19.67 -4.86
N SER A 181 6.63 18.77 -4.99
CA SER A 181 7.95 18.88 -4.42
C SER A 181 8.72 20.15 -4.66
N GLY A 182 8.59 20.71 -5.87
CA GLY A 182 9.36 21.90 -6.18
C GLY A 182 10.80 21.44 -6.28
N LYS A 183 11.55 21.33 -5.17
CA LYS A 183 12.96 20.93 -5.20
C LYS A 183 13.30 19.63 -5.98
N MET A 184 12.35 18.71 -6.17
CA MET A 184 12.60 17.57 -7.05
C MET A 184 12.01 17.81 -8.44
N GLY A 185 10.93 18.58 -8.49
CA GLY A 185 10.32 18.88 -9.76
C GLY A 185 8.87 18.46 -9.75
N PRO A 186 8.26 18.51 -10.94
CA PRO A 186 6.92 18.03 -11.19
C PRO A 186 7.02 16.52 -11.22
N GLY A 187 5.90 15.89 -10.92
CA GLY A 187 5.93 14.49 -10.47
C GLY A 187 6.26 14.76 -9.01
N PHE A 188 6.66 13.83 -8.17
CA PHE A 188 7.10 14.16 -6.80
C PHE A 188 6.20 14.91 -5.83
N THR A 189 5.57 14.15 -4.95
CA THR A 189 4.75 14.69 -3.90
C THR A 189 5.64 14.53 -2.72
N LYS A 190 5.46 15.56 -1.91
CA LYS A 190 6.05 15.62 -0.59
C LYS A 190 4.99 15.07 0.36
N ALA A 191 3.74 15.01 -0.10
CA ALA A 191 2.65 14.50 0.68
C ALA A 191 2.53 13.06 0.34
N LEU A 192 3.51 12.32 0.86
CA LEU A 192 3.53 10.88 0.73
C LEU A 192 2.39 10.42 1.62
N GLY A 193 1.81 9.25 1.46
CA GLY A 193 0.60 8.99 2.26
C GLY A 193 -0.61 9.22 1.38
N HIS A 194 -0.40 10.09 0.40
CA HIS A 194 -1.24 10.12 -0.79
C HIS A 194 -2.73 10.21 -0.70
N GLY A 195 -3.23 10.82 0.35
CA GLY A 195 -4.66 10.91 0.46
C GLY A 195 -4.98 11.68 1.70
N VAL A 196 -6.07 11.24 2.35
CA VAL A 196 -6.52 11.93 3.52
C VAL A 196 -5.78 11.47 4.78
N ASP A 197 -4.45 11.51 4.74
CA ASP A 197 -3.64 11.32 5.92
C ASP A 197 -3.82 12.73 6.43
N LEU A 198 -4.26 13.12 7.61
CA LEU A 198 -4.45 14.54 7.82
C LEU A 198 -3.16 15.33 8.01
N GLY A 199 -2.15 15.12 7.18
CA GLY A 199 -0.86 15.75 7.28
C GLY A 199 -0.90 17.25 7.11
N HIS A 200 -2.05 17.83 6.78
CA HIS A 200 -2.11 19.27 6.74
C HIS A 200 -2.28 19.83 8.14
N ILE A 201 -2.83 19.00 9.05
CA ILE A 201 -3.02 19.33 10.46
C ILE A 201 -1.81 18.86 11.25
N TYR A 202 -1.39 17.63 10.97
CA TYR A 202 -0.33 16.98 11.75
C TYR A 202 1.06 16.94 11.14
N GLY A 203 1.26 17.06 9.84
CA GLY A 203 2.60 17.01 9.30
C GLY A 203 2.78 15.86 8.33
N ASP A 204 3.57 16.18 7.30
CA ASP A 204 3.92 15.21 6.27
C ASP A 204 5.04 14.33 6.79
N ASN A 205 5.79 14.78 7.79
CA ASN A 205 6.86 13.99 8.36
C ASN A 205 6.76 13.92 9.88
N LEU A 206 6.96 12.74 10.48
CA LEU A 206 6.83 12.51 11.92
C LEU A 206 7.48 13.53 12.82
N GLU A 207 8.73 13.84 12.50
CA GLU A 207 9.53 14.80 13.24
C GLU A 207 8.77 16.10 13.48
N ARG A 208 8.04 16.61 12.49
CA ARG A 208 7.23 17.82 12.58
C ARG A 208 5.99 17.51 13.40
N GLN A 209 5.40 16.33 13.25
CA GLN A 209 4.22 15.93 13.99
C GLN A 209 4.51 15.94 15.45
N TYR A 210 5.72 15.58 15.85
CA TYR A 210 6.11 15.60 17.25
C TYR A 210 6.33 17.03 17.72
N GLN A 211 6.79 17.87 16.81
CA GLN A 211 6.92 19.28 17.09
C GLN A 211 5.62 20.01 17.32
N LEU A 212 4.53 19.53 16.75
CA LEU A 212 3.26 20.18 16.94
C LEU A 212 2.50 19.57 18.09
N ARG A 213 2.95 18.45 18.65
CA ARG A 213 2.22 17.79 19.70
C ARG A 213 2.58 18.27 21.07
N LEU A 214 1.55 18.26 21.89
CA LEU A 214 1.75 18.68 23.24
C LEU A 214 2.41 17.60 24.07
N PHE A 215 2.02 16.38 23.74
CA PHE A 215 2.40 15.19 24.48
C PHE A 215 1.79 15.18 25.87
N LYS A 216 0.52 15.61 25.94
CA LYS A 216 -0.29 15.55 27.15
C LYS A 216 -1.70 15.30 26.64
N ASP A 217 -2.42 14.35 27.23
CA ASP A 217 -3.77 13.96 26.83
C ASP A 217 -3.99 13.72 25.33
N GLY A 218 -2.96 13.45 24.54
CA GLY A 218 -3.09 13.23 23.10
C GLY A 218 -3.18 14.53 22.33
N LYS A 219 -2.97 15.62 23.02
CA LYS A 219 -3.19 16.90 22.44
C LYS A 219 -2.00 17.42 21.66
N LEU A 220 -2.46 18.40 20.87
CA LEU A 220 -1.73 19.20 19.92
C LEU A 220 -1.39 20.50 20.63
N LYS A 221 -0.27 21.15 20.34
CA LYS A 221 0.13 22.36 21.05
C LYS A 221 -0.75 23.49 20.59
N TYR A 222 -0.86 24.57 21.35
CA TYR A 222 -1.62 25.73 20.92
C TYR A 222 -1.19 26.91 21.77
N GLN A 223 -1.83 28.05 21.47
CA GLN A 223 -1.63 29.29 22.18
C GLN A 223 -3.01 29.88 22.41
N MET A 224 -3.09 30.79 23.36
CA MET A 224 -4.36 31.37 23.78
C MET A 224 -4.32 32.88 23.56
N LEU A 225 -5.08 33.35 22.57
CA LEU A 225 -5.10 34.75 22.23
C LEU A 225 -6.52 35.22 22.41
N ASN A 226 -6.62 36.34 23.15
CA ASN A 226 -7.88 36.94 23.56
C ASN A 226 -8.62 35.80 24.26
N GLY A 227 -9.85 35.43 23.95
CA GLY A 227 -10.44 34.31 24.66
C GLY A 227 -10.00 32.99 24.08
N GLU A 228 -9.72 32.92 22.79
CA GLU A 228 -9.63 31.61 22.21
C GLU A 228 -8.29 30.91 21.98
N VAL A 229 -8.52 29.67 21.57
CA VAL A 229 -7.48 28.68 21.30
C VAL A 229 -7.02 28.90 19.87
N TYR A 230 -5.81 29.32 19.59
CA TYR A 230 -5.34 29.50 18.22
C TYR A 230 -4.09 28.65 18.06
N PRO A 231 -3.62 28.20 16.90
CA PRO A 231 -2.41 27.39 16.72
C PRO A 231 -1.21 27.92 17.49
N PRO A 232 -0.19 27.18 17.92
CA PRO A 232 0.93 27.73 18.64
C PRO A 232 1.75 28.65 17.74
N SER A 233 2.67 29.41 18.31
CA SER A 233 3.51 30.25 17.48
C SER A 233 4.72 29.43 17.03
N VAL A 234 5.43 29.81 15.97
CA VAL A 234 6.66 29.12 15.55
C VAL A 234 7.73 29.20 16.64
N GLU A 235 7.45 30.10 17.58
CA GLU A 235 8.18 30.26 18.83
C GLU A 235 8.06 29.02 19.71
N GLU A 236 6.82 28.52 19.87
CA GLU A 236 6.58 27.35 20.69
C GLU A 236 6.69 26.03 19.94
N ALA A 237 6.65 26.02 18.62
CA ALA A 237 6.82 24.80 17.86
C ALA A 237 7.63 25.21 16.65
N PRO A 238 8.95 25.06 16.62
CA PRO A 238 9.85 25.35 15.49
C PRO A 238 9.39 25.04 14.09
N VAL A 239 8.95 23.79 13.95
CA VAL A 239 8.31 23.27 12.75
C VAL A 239 8.67 23.74 11.31
N LEU A 240 8.71 25.02 10.94
CA LEU A 240 9.14 25.64 9.70
C LEU A 240 8.17 26.73 9.29
N MET A 241 7.09 26.47 8.53
CA MET A 241 6.22 27.52 8.00
C MET A 241 6.89 28.43 6.96
N HIS A 242 6.17 28.65 5.86
CA HIS A 242 6.64 29.56 4.84
C HIS A 242 6.00 30.88 5.22
N TYR A 243 6.75 31.91 5.50
CA TYR A 243 6.18 33.21 5.81
C TYR A 243 7.06 34.19 5.07
N PRO A 244 6.56 35.31 4.54
CA PRO A 244 7.36 36.29 3.84
C PRO A 244 8.38 36.82 4.82
N ARG A 245 9.58 36.62 4.28
CA ARG A 245 10.84 37.03 4.87
C ARG A 245 10.67 38.26 5.73
N GLY A 246 11.11 38.23 6.98
CA GLY A 246 10.96 39.45 7.76
C GLY A 246 9.77 39.36 8.69
N ILE A 247 8.89 38.37 8.52
CA ILE A 247 7.88 38.12 9.54
C ILE A 247 8.58 37.29 10.62
N PRO A 248 8.25 37.63 11.87
CA PRO A 248 8.90 37.06 13.04
C PRO A 248 8.18 35.86 13.66
N PRO A 249 8.98 34.91 14.17
CA PRO A 249 8.49 33.63 14.71
C PRO A 249 7.21 33.66 15.53
N GLN A 250 7.16 34.69 16.35
CA GLN A 250 6.15 34.93 17.34
C GLN A 250 4.83 35.20 16.69
N SER A 251 4.93 35.93 15.59
CA SER A 251 3.73 36.31 14.86
C SER A 251 3.32 35.28 13.85
N GLN A 252 4.15 34.26 13.70
CA GLN A 252 3.85 33.19 12.79
C GLN A 252 3.08 32.11 13.54
N MET A 253 2.14 31.40 12.92
CA MET A 253 1.46 30.33 13.63
C MET A 253 1.95 29.05 13.00
N ALA A 254 2.18 28.05 13.85
CA ALA A 254 2.70 26.75 13.47
C ALA A 254 1.57 25.76 13.23
N VAL A 255 1.52 25.16 12.04
CA VAL A 255 0.31 24.45 11.72
C VAL A 255 0.33 23.03 11.22
N GLY A 256 1.19 22.61 10.30
CA GLY A 256 1.10 21.25 9.80
C GLY A 256 1.45 21.26 8.34
N GLN A 257 0.63 21.99 7.59
CA GLN A 257 0.93 22.29 6.18
C GLN A 257 1.67 23.63 6.18
N GLU A 258 2.90 23.66 5.67
CA GLU A 258 3.74 24.84 5.81
C GLU A 258 3.27 26.11 5.10
N VAL A 259 2.47 25.91 4.06
CA VAL A 259 1.95 26.99 3.26
C VAL A 259 0.87 27.81 3.91
N PHE A 260 0.10 27.25 4.83
CA PHE A 260 -1.09 27.90 5.32
C PHE A 260 -0.96 29.27 5.95
N GLY A 261 0.25 29.82 6.09
CA GLY A 261 0.44 31.20 6.52
C GLY A 261 -0.14 32.18 5.48
N LEU A 262 -0.15 31.94 4.23
CA LEU A 262 -0.49 32.54 2.93
C LEU A 262 -1.81 33.31 3.05
N LEU A 263 -2.82 32.68 3.65
CA LEU A 263 -4.13 33.35 3.85
C LEU A 263 -4.83 32.98 5.14
N PRO A 264 -5.76 33.85 5.59
CA PRO A 264 -6.60 33.55 6.73
C PRO A 264 -7.39 32.31 6.40
N GLY A 265 -7.91 32.30 5.18
CA GLY A 265 -8.69 31.17 4.68
C GLY A 265 -8.10 29.88 5.23
N LEU A 266 -6.91 29.58 4.76
CA LEU A 266 -6.20 28.36 5.15
C LEU A 266 -6.07 28.26 6.69
N MET A 267 -5.70 29.37 7.33
CA MET A 267 -5.48 29.41 8.80
C MET A 267 -6.78 29.18 9.61
N LEU A 268 -7.86 29.80 9.16
CA LEU A 268 -9.18 29.69 9.81
C LEU A 268 -9.50 28.22 10.10
N TYR A 269 -9.48 27.46 9.02
CA TYR A 269 -9.82 26.03 9.03
C TYR A 269 -8.86 25.22 9.92
N ALA A 270 -7.57 25.48 9.78
CA ALA A 270 -6.56 24.75 10.57
C ALA A 270 -6.80 25.03 12.07
N THR A 271 -7.32 26.23 12.42
CA THR A 271 -7.71 26.52 13.78
C THR A 271 -8.89 25.64 14.13
N ILE A 272 -9.97 25.58 13.33
CA ILE A 272 -11.13 24.75 13.66
C ILE A 272 -10.68 23.33 13.88
N TRP A 273 -9.97 22.71 12.94
CA TRP A 273 -9.54 21.35 13.14
C TRP A 273 -8.59 21.16 14.32
N LEU A 274 -7.79 22.12 14.78
CA LEU A 274 -6.96 21.93 15.97
C LEU A 274 -7.85 21.89 17.19
N ARG A 275 -8.82 22.79 17.24
CA ARG A 275 -9.78 22.85 18.32
C ARG A 275 -10.54 21.54 18.36
N GLU A 276 -11.02 21.05 17.22
CA GLU A 276 -11.68 19.78 17.13
C GLU A 276 -10.83 18.63 17.61
N HIS A 277 -9.53 18.64 17.37
CA HIS A 277 -8.66 17.56 17.82
C HIS A 277 -8.65 17.54 19.33
N GLN A 278 -8.33 18.67 19.95
CA GLN A 278 -8.35 18.78 21.38
C GLN A 278 -9.62 18.28 22.03
N ARG A 279 -10.74 18.69 21.49
CA ARG A 279 -12.04 18.31 21.98
C ARG A 279 -12.15 16.81 22.02
N VAL A 280 -11.87 16.19 20.88
CA VAL A 280 -11.99 14.75 20.79
C VAL A 280 -11.05 14.13 21.80
N CYS A 281 -9.80 14.59 21.94
CA CYS A 281 -8.91 14.05 22.93
C CYS A 281 -9.59 14.00 24.27
N ASP A 282 -10.23 15.07 24.72
CA ASP A 282 -10.84 15.06 26.02
C ASP A 282 -11.97 14.08 26.16
N LEU A 283 -12.78 13.84 25.14
CA LEU A 283 -13.87 12.91 25.30
C LEU A 283 -13.30 11.53 25.47
N LEU A 284 -12.27 11.27 24.68
CA LEU A 284 -11.60 10.00 24.71
C LEU A 284 -10.91 9.84 26.06
N LYS A 285 -10.27 10.87 26.62
CA LYS A 285 -9.61 10.81 27.92
C LYS A 285 -10.64 10.44 28.97
N ALA A 286 -11.80 11.07 28.88
CA ALA A 286 -12.87 10.84 29.81
C ALA A 286 -13.35 9.41 29.80
N GLU A 287 -13.33 8.82 28.61
CA GLU A 287 -13.77 7.46 28.43
C GLU A 287 -12.78 6.43 28.91
N HIS A 288 -11.51 6.67 28.63
CA HIS A 288 -10.49 5.72 28.93
C HIS A 288 -9.39 6.37 29.75
N PRO A 289 -9.53 6.49 31.07
CA PRO A 289 -8.51 7.08 31.95
C PRO A 289 -7.15 6.41 31.92
N THR A 290 -7.08 5.21 31.37
CA THR A 290 -5.86 4.44 31.21
C THR A 290 -4.94 4.86 30.07
N TRP A 291 -5.60 5.34 29.01
CA TRP A 291 -5.03 5.50 27.70
C TRP A 291 -3.66 6.10 27.55
N GLY A 292 -3.29 7.22 28.17
CA GLY A 292 -1.95 7.76 27.92
C GLY A 292 -1.86 8.56 26.62
N ASP A 293 -0.82 9.39 26.42
CA ASP A 293 -0.83 10.34 25.32
C ASP A 293 -0.85 9.80 23.91
N GLU A 294 0.09 8.94 23.55
CA GLU A 294 0.18 8.43 22.20
C GLU A 294 -1.14 7.85 21.74
N GLN A 295 -1.80 7.02 22.55
CA GLN A 295 -3.02 6.38 22.09
C GLN A 295 -4.13 7.38 21.95
N LEU A 296 -4.19 8.40 22.80
CA LEU A 296 -5.20 9.43 22.65
C LEU A 296 -4.97 10.19 21.35
N PHE A 297 -3.73 10.56 21.08
CA PHE A 297 -3.36 11.22 19.85
C PHE A 297 -3.77 10.45 18.62
N GLN A 298 -3.24 9.25 18.47
CA GLN A 298 -3.54 8.38 17.35
C GLN A 298 -5.03 8.10 17.24
N THR A 299 -5.77 7.83 18.31
CA THR A 299 -7.18 7.55 18.17
C THR A 299 -7.86 8.82 17.74
N ALA A 300 -7.39 10.00 18.14
CA ALA A 300 -8.00 11.23 17.70
C ALA A 300 -7.78 11.44 16.20
N LYS A 301 -6.57 11.17 15.66
CA LYS A 301 -6.28 11.31 14.25
C LYS A 301 -7.25 10.45 13.49
N LEU A 302 -7.53 9.25 13.95
CA LEU A 302 -8.50 8.40 13.30
C LEU A 302 -9.89 9.00 13.34
N ILE A 303 -10.38 9.57 14.44
CA ILE A 303 -11.73 10.12 14.47
C ILE A 303 -11.79 11.25 13.47
N LEU A 304 -10.81 12.14 13.50
CA LEU A 304 -10.85 13.30 12.65
C LEU A 304 -10.72 12.93 11.21
N ILE A 305 -9.99 11.91 10.85
CA ILE A 305 -9.97 11.47 9.47
C ILE A 305 -11.38 11.03 9.18
N GLY A 306 -12.03 10.21 9.99
CA GLY A 306 -13.41 9.78 9.76
C GLY A 306 -14.36 10.94 9.56
N GLU A 307 -14.16 12.00 10.32
CA GLU A 307 -14.97 13.19 10.20
C GLU A 307 -14.75 13.84 8.87
N THR A 308 -13.51 14.19 8.54
CA THR A 308 -13.18 14.81 7.28
C THR A 308 -13.77 14.07 6.11
N ILE A 309 -13.67 12.76 6.07
CA ILE A 309 -14.14 12.01 4.93
C ILE A 309 -15.66 11.89 4.95
N LYS A 310 -16.36 12.09 6.06
CA LYS A 310 -17.81 12.10 6.02
C LYS A 310 -18.29 13.44 5.45
N ILE A 311 -17.79 14.54 6.03
CA ILE A 311 -18.14 15.89 5.64
C ILE A 311 -17.90 16.08 4.16
N VAL A 312 -16.83 15.51 3.64
CA VAL A 312 -16.56 15.63 2.23
C VAL A 312 -17.63 14.92 1.45
N ILE A 313 -18.03 13.70 1.76
CA ILE A 313 -19.01 13.04 0.93
C ILE A 313 -20.39 13.65 1.12
N GLU A 314 -20.89 13.71 2.33
CA GLU A 314 -22.25 14.14 2.50
C GLU A 314 -22.48 15.65 2.39
N GLU A 315 -21.49 16.51 2.55
CA GLU A 315 -21.76 17.93 2.43
C GLU A 315 -20.97 18.58 1.31
N TYR A 316 -19.64 18.51 1.24
CA TYR A 316 -18.86 19.14 0.20
C TYR A 316 -19.23 18.63 -1.16
N VAL A 317 -19.12 17.34 -1.45
CA VAL A 317 -19.48 16.79 -2.76
C VAL A 317 -20.98 16.93 -3.06
N GLN A 318 -21.83 16.91 -2.04
CA GLN A 318 -23.25 17.11 -2.25
C GLN A 318 -23.46 18.56 -2.67
N GLN A 319 -22.65 19.53 -2.20
CA GLN A 319 -22.82 20.90 -2.63
C GLN A 319 -22.37 21.02 -4.06
N LEU A 320 -21.15 20.67 -4.45
CA LEU A 320 -20.86 20.87 -5.85
C LEU A 320 -21.43 19.86 -6.82
N SER A 321 -22.02 18.73 -6.48
CA SER A 321 -22.62 17.92 -7.52
C SER A 321 -23.97 18.51 -7.89
N GLY A 322 -24.68 18.90 -6.82
CA GLY A 322 -26.00 19.49 -6.89
C GLY A 322 -27.07 18.44 -7.18
N TYR A 323 -26.75 17.18 -6.91
CA TYR A 323 -27.68 16.10 -7.17
C TYR A 323 -28.73 16.10 -6.08
N PHE A 324 -29.94 15.67 -6.41
CA PHE A 324 -30.95 15.54 -5.39
C PHE A 324 -30.82 14.18 -4.72
N LEU A 325 -29.93 13.31 -5.20
CA LEU A 325 -29.68 12.06 -4.52
C LEU A 325 -28.99 12.44 -3.21
N GLN A 326 -29.37 11.87 -2.09
CA GLN A 326 -28.70 12.16 -0.85
C GLN A 326 -27.54 11.20 -0.78
N LEU A 327 -26.35 11.73 -0.94
CA LEU A 327 -25.15 10.93 -0.92
C LEU A 327 -24.90 10.47 0.50
N LYS A 328 -24.27 9.32 0.75
CA LYS A 328 -23.91 8.93 2.11
C LYS A 328 -22.57 8.24 2.18
N PHE A 329 -21.87 8.51 3.26
CA PHE A 329 -20.65 7.85 3.54
C PHE A 329 -20.98 6.66 4.40
N ASP A 330 -21.08 5.48 3.81
CA ASP A 330 -21.26 4.28 4.59
C ASP A 330 -20.28 3.32 3.99
N PRO A 331 -19.10 3.10 4.58
CA PRO A 331 -18.05 2.24 4.08
C PRO A 331 -18.55 0.84 3.79
N GLU A 332 -19.60 0.46 4.53
CA GLU A 332 -20.17 -0.85 4.39
C GLU A 332 -20.78 -1.11 3.03
N LEU A 333 -21.06 -0.09 2.21
CA LEU A 333 -21.61 -0.36 0.88
C LEU A 333 -20.57 -1.08 0.06
N LEU A 334 -19.29 -0.89 0.37
CA LEU A 334 -18.28 -1.54 -0.40
C LEU A 334 -17.78 -2.86 0.10
N PHE A 335 -18.28 -3.36 1.23
CA PHE A 335 -17.78 -4.60 1.77
C PHE A 335 -18.15 -5.78 0.93
N GLY A 336 -19.11 -5.64 0.03
CA GLY A 336 -19.45 -6.74 -0.88
C GLY A 336 -18.74 -6.61 -2.23
N ALA A 337 -18.05 -5.50 -2.46
CA ALA A 337 -17.44 -5.20 -3.74
C ALA A 337 -16.03 -5.69 -3.80
N GLN A 338 -15.46 -5.67 -4.99
CA GLN A 338 -14.08 -6.01 -5.15
C GLN A 338 -13.51 -4.62 -5.24
N PHE A 339 -12.99 -4.17 -4.14
CA PHE A 339 -12.46 -2.83 -4.08
C PHE A 339 -11.11 -3.04 -3.43
N GLN A 340 -10.16 -2.24 -3.85
CA GLN A 340 -8.84 -2.29 -3.27
C GLN A 340 -8.83 -1.08 -2.39
N TYR A 341 -8.28 -1.18 -1.19
CA TYR A 341 -8.21 -0.03 -0.30
C TYR A 341 -6.82 0.61 -0.33
N ARG A 342 -6.41 1.32 -1.39
CA ARG A 342 -5.16 2.07 -1.41
C ARG A 342 -5.32 3.21 -2.41
N ASN A 343 -4.59 4.32 -2.33
CA ASN A 343 -4.76 5.40 -3.29
C ASN A 343 -3.41 6.01 -3.65
N ARG A 344 -3.27 6.59 -4.83
CA ARG A 344 -2.02 7.22 -5.24
C ARG A 344 -2.51 8.46 -5.97
N ILE A 345 -2.36 9.72 -5.49
CA ILE A 345 -3.01 10.81 -6.20
C ILE A 345 -2.18 11.11 -7.43
N ALA A 346 -2.96 11.14 -8.50
CA ALA A 346 -2.47 11.33 -9.83
C ALA A 346 -2.18 12.75 -10.23
N MET A 347 -1.16 12.96 -11.04
CA MET A 347 -0.81 14.29 -11.51
C MET A 347 -1.94 14.97 -12.25
N GLU A 348 -2.74 14.20 -12.96
CA GLU A 348 -3.85 14.76 -13.70
C GLU A 348 -4.84 15.24 -12.69
N PHE A 349 -5.08 14.49 -11.62
CA PHE A 349 -6.01 14.91 -10.60
C PHE A 349 -5.52 16.22 -9.98
N ASN A 350 -4.23 16.45 -9.90
CA ASN A 350 -3.71 17.70 -9.41
C ASN A 350 -4.06 18.80 -10.40
N GLN A 351 -3.90 18.64 -11.70
CA GLN A 351 -4.25 19.68 -12.67
C GLN A 351 -5.72 20.07 -12.56
N LEU A 352 -6.59 19.09 -12.52
CA LEU A 352 -8.02 19.27 -12.44
C LEU A 352 -8.47 19.98 -11.19
N TYR A 353 -7.78 19.82 -10.08
CA TYR A 353 -8.21 20.51 -8.88
C TYR A 353 -7.58 21.86 -8.87
N HIS A 354 -6.97 22.35 -9.94
CA HIS A 354 -6.44 23.70 -10.00
C HIS A 354 -7.50 24.76 -10.13
N TRP A 355 -8.59 24.63 -9.40
CA TRP A 355 -9.66 25.51 -9.65
C TRP A 355 -9.81 26.78 -8.78
N HIS A 356 -8.89 27.62 -9.24
CA HIS A 356 -8.73 28.99 -8.79
C HIS A 356 -9.82 29.97 -9.20
N PRO A 357 -10.66 29.81 -10.23
CA PRO A 357 -11.82 30.65 -10.48
C PRO A 357 -12.76 30.90 -9.31
N LEU A 358 -12.71 30.07 -8.27
CA LEU A 358 -13.56 30.26 -7.12
C LEU A 358 -13.20 31.53 -6.39
N MET A 359 -11.92 31.91 -6.41
CA MET A 359 -11.49 33.06 -5.65
C MET A 359 -12.10 34.31 -6.24
N PRO A 360 -12.62 35.22 -5.41
CA PRO A 360 -13.44 36.34 -5.82
C PRO A 360 -12.62 37.59 -6.17
N ASP A 361 -13.18 38.79 -6.23
CA ASP A 361 -12.39 39.95 -6.59
C ASP A 361 -11.81 40.59 -5.34
N SER A 362 -12.56 40.51 -4.26
CA SER A 362 -12.13 41.05 -2.98
C SER A 362 -12.85 40.24 -1.93
N PHE A 363 -12.44 40.40 -0.68
CA PHE A 363 -12.93 39.58 0.40
C PHE A 363 -13.71 40.45 1.34
N ARG A 364 -15.03 40.34 1.35
CA ARG A 364 -15.82 41.17 2.22
C ARG A 364 -16.03 40.51 3.56
N VAL A 365 -15.24 40.84 4.56
CA VAL A 365 -15.59 40.31 5.85
C VAL A 365 -16.22 41.48 6.56
N GLY A 366 -17.26 41.15 7.31
CA GLY A 366 -18.02 42.17 7.99
C GLY A 366 -18.70 42.96 6.86
N PRO A 367 -18.82 44.28 7.01
CA PRO A 367 -19.15 45.17 5.91
C PRO A 367 -17.91 45.84 5.32
N GLN A 368 -16.71 45.26 5.24
CA GLN A 368 -15.60 45.95 4.58
C GLN A 368 -14.95 44.97 3.65
N ASP A 369 -14.77 45.37 2.38
CA ASP A 369 -14.08 44.55 1.40
C ASP A 369 -12.58 44.60 1.66
N TYR A 370 -11.85 43.53 1.46
CA TYR A 370 -10.41 43.56 1.62
C TYR A 370 -9.87 43.22 0.28
N SER A 371 -8.74 43.81 -0.05
CA SER A 371 -8.13 43.49 -1.30
C SER A 371 -7.32 42.23 -1.14
N TYR A 372 -6.90 41.60 -2.22
CA TYR A 372 -5.97 40.48 -2.13
C TYR A 372 -4.72 40.98 -1.44
N GLU A 373 -4.28 42.20 -1.70
CA GLU A 373 -3.09 42.67 -1.02
C GLU A 373 -3.36 43.02 0.43
N GLN A 374 -4.58 42.92 0.90
CA GLN A 374 -4.81 43.01 2.32
C GLN A 374 -5.04 41.61 2.91
N PHE A 375 -5.61 40.72 2.11
CA PHE A 375 -5.98 39.42 2.56
C PHE A 375 -4.75 38.53 2.65
N LEU A 376 -4.06 38.34 1.55
CA LEU A 376 -2.94 37.43 1.51
C LEU A 376 -1.86 37.96 2.44
N PHE A 377 -1.43 37.01 3.26
CA PHE A 377 -0.45 37.10 4.32
C PHE A 377 -0.90 37.89 5.54
N ASN A 378 -2.16 38.34 5.63
CA ASN A 378 -2.59 39.14 6.76
C ASN A 378 -2.56 38.28 8.00
N THR A 379 -1.61 38.57 8.87
CA THR A 379 -1.41 37.76 10.06
C THR A 379 -2.39 37.97 11.20
N SER A 380 -2.98 39.15 11.27
CA SER A 380 -3.89 39.44 12.35
C SER A 380 -5.34 39.13 12.11
N MET A 381 -5.80 39.16 10.86
CA MET A 381 -7.22 39.05 10.57
C MET A 381 -7.97 37.96 11.30
N LEU A 382 -7.34 36.79 11.40
CA LEU A 382 -7.95 35.65 12.08
C LEU A 382 -8.20 35.92 13.54
N VAL A 383 -7.15 36.42 14.18
CA VAL A 383 -7.17 36.67 15.60
C VAL A 383 -8.09 37.84 15.89
N ASP A 384 -8.11 38.78 14.95
CA ASP A 384 -8.93 39.96 15.08
C ASP A 384 -10.39 39.66 14.96
N TYR A 385 -10.85 38.84 14.02
CA TYR A 385 -12.27 38.63 13.89
C TYR A 385 -12.75 37.42 14.67
N GLY A 386 -11.84 36.44 14.80
CA GLY A 386 -12.14 35.21 15.48
C GLY A 386 -12.94 34.28 14.59
N VAL A 387 -12.66 32.98 14.73
CA VAL A 387 -13.29 31.92 13.92
C VAL A 387 -14.78 32.14 13.63
N GLU A 388 -15.57 32.49 14.65
CA GLU A 388 -17.00 32.70 14.53
C GLU A 388 -17.35 33.67 13.39
N ALA A 389 -16.72 34.85 13.43
CA ALA A 389 -17.04 35.90 12.47
C ALA A 389 -16.66 35.51 11.04
N LEU A 390 -15.42 35.05 10.88
CA LEU A 390 -14.94 34.74 9.55
C LEU A 390 -15.75 33.64 8.93
N VAL A 391 -16.15 32.63 9.69
CA VAL A 391 -16.99 31.59 9.14
C VAL A 391 -18.24 32.19 8.55
N ASP A 392 -18.89 33.11 9.26
CA ASP A 392 -20.12 33.71 8.80
C ASP A 392 -19.93 34.49 7.52
N ALA A 393 -18.80 35.18 7.46
CA ALA A 393 -18.51 36.00 6.32
C ALA A 393 -18.30 35.18 5.06
N PHE A 394 -17.41 34.20 5.20
CA PHE A 394 -17.07 33.35 4.09
C PHE A 394 -18.30 32.54 3.73
N SER A 395 -19.18 32.27 4.69
CA SER A 395 -20.36 31.51 4.38
C SER A 395 -21.35 32.30 3.54
N ARG A 396 -21.25 33.63 3.55
CA ARG A 396 -22.17 34.45 2.78
C ARG A 396 -21.62 34.90 1.44
N GLN A 397 -20.32 35.18 1.28
CA GLN A 397 -19.83 35.64 -0.01
C GLN A 397 -19.79 34.54 -1.06
N PRO A 398 -20.30 34.70 -2.28
CA PRO A 398 -20.31 33.66 -3.30
C PRO A 398 -18.96 33.45 -3.95
N ALA A 399 -18.69 32.21 -4.32
CA ALA A 399 -17.46 31.83 -4.97
C ALA A 399 -17.68 31.89 -6.47
N GLY A 400 -16.66 32.03 -7.29
CA GLY A 400 -16.84 32.14 -8.72
C GLY A 400 -17.15 30.85 -9.46
N ARG A 401 -17.63 30.97 -10.69
CA ARG A 401 -17.90 29.82 -11.53
C ARG A 401 -16.56 29.21 -11.88
N ILE A 402 -16.46 27.90 -11.99
CA ILE A 402 -15.17 27.30 -12.27
C ILE A 402 -15.03 27.14 -13.78
N GLY A 403 -16.01 26.42 -14.32
CA GLY A 403 -16.04 26.07 -15.72
C GLY A 403 -16.48 27.23 -16.55
N GLY A 404 -16.44 27.10 -17.88
CA GLY A 404 -16.91 28.17 -18.72
C GLY A 404 -15.79 29.08 -19.20
N GLY A 405 -14.73 29.32 -18.43
CA GLY A 405 -13.67 30.20 -18.90
C GLY A 405 -13.93 31.66 -18.54
N ARG A 406 -12.86 32.45 -18.72
CA ARG A 406 -12.79 33.88 -18.46
C ARG A 406 -13.14 34.31 -17.03
N ASN A 407 -12.68 33.51 -16.06
CA ASN A 407 -13.04 33.78 -14.68
C ASN A 407 -11.91 33.68 -13.65
N ILE A 408 -10.64 33.54 -14.02
CA ILE A 408 -9.55 33.47 -13.06
C ILE A 408 -9.17 34.91 -12.74
N ASP A 409 -9.42 35.46 -11.56
CA ASP A 409 -9.01 36.83 -11.22
C ASP A 409 -7.52 37.08 -11.45
N HIS A 410 -7.14 38.20 -12.04
CA HIS A 410 -5.75 38.44 -12.41
C HIS A 410 -4.68 38.21 -11.36
N HIS A 411 -4.99 38.49 -10.09
CA HIS A 411 -4.02 38.31 -9.01
C HIS A 411 -3.45 36.91 -8.96
N ILE A 412 -4.26 35.89 -9.29
CA ILE A 412 -3.79 34.53 -9.24
C ILE A 412 -3.70 33.96 -10.66
N LEU A 413 -3.95 34.72 -11.75
CA LEU A 413 -3.95 34.21 -13.12
C LEU A 413 -2.65 33.57 -13.55
N HIS A 414 -1.56 34.04 -12.93
CA HIS A 414 -0.25 33.49 -13.20
C HIS A 414 -0.18 32.00 -12.90
N VAL A 415 -0.90 31.56 -11.87
CA VAL A 415 -0.91 30.16 -11.46
C VAL A 415 -1.40 29.31 -12.61
N ALA A 416 -2.56 29.64 -13.19
CA ALA A 416 -3.07 28.91 -14.34
C ALA A 416 -2.05 28.85 -15.47
N VAL A 417 -1.29 29.93 -15.63
CA VAL A 417 -0.21 29.93 -16.61
C VAL A 417 0.79 28.86 -16.21
N ASP A 418 1.24 28.77 -14.96
CA ASP A 418 2.20 27.74 -14.57
C ASP A 418 1.65 26.34 -14.73
N VAL A 419 0.33 26.16 -14.53
CA VAL A 419 -0.33 24.88 -14.69
C VAL A 419 -0.20 24.39 -16.11
N ILE A 420 -0.52 25.24 -17.07
CA ILE A 420 -0.43 24.87 -18.48
C ILE A 420 1.02 24.51 -18.75
N LYS A 421 2.00 25.26 -18.28
CA LYS A 421 3.38 24.91 -18.52
C LYS A 421 3.77 23.59 -17.85
N GLU A 422 3.18 23.25 -16.72
CA GLU A 422 3.49 21.99 -16.07
C GLU A 422 2.85 20.91 -16.93
N SER A 423 1.62 21.03 -17.44
CA SER A 423 1.02 20.08 -18.36
C SER A 423 2.01 19.73 -19.45
N ARG A 424 2.72 20.77 -19.87
CA ARG A 424 3.70 20.64 -20.90
C ARG A 424 4.95 19.91 -20.49
N VAL A 425 5.51 20.15 -19.31
CA VAL A 425 6.72 19.45 -18.83
C VAL A 425 6.40 17.99 -18.65
N LEU A 426 5.29 17.78 -18.07
CA LEU A 426 4.59 16.53 -17.74
C LEU A 426 4.27 15.75 -19.00
N ARG A 427 4.21 16.48 -20.10
CA ARG A 427 3.91 15.89 -21.41
C ARG A 427 2.54 15.19 -21.38
N LEU A 428 1.63 15.72 -20.56
CA LEU A 428 0.28 15.15 -20.46
C LEU A 428 -0.30 15.01 -21.86
N GLN A 429 -1.02 13.94 -22.06
CA GLN A 429 -1.63 13.67 -23.36
C GLN A 429 -2.71 14.69 -23.64
N PRO A 430 -3.33 14.63 -24.81
CA PRO A 430 -4.37 15.56 -25.14
C PRO A 430 -5.46 15.44 -24.11
N PHE A 431 -6.34 16.24 -24.27
CA PHE A 431 -7.52 16.34 -23.41
C PHE A 431 -8.44 15.16 -23.71
N ASN A 432 -8.81 15.14 -24.97
CA ASN A 432 -9.74 14.15 -25.52
C ASN A 432 -9.27 12.73 -25.27
N GLU A 433 -7.98 12.48 -25.41
CA GLU A 433 -7.50 11.14 -25.12
C GLU A 433 -8.04 10.77 -23.73
N TYR A 434 -7.95 11.74 -22.84
CA TYR A 434 -8.43 11.60 -21.45
C TYR A 434 -9.95 11.50 -21.42
N ARG A 435 -10.55 12.08 -22.42
CA ARG A 435 -12.02 12.05 -22.56
C ARG A 435 -12.45 10.62 -22.85
N LYS A 436 -11.82 10.05 -23.87
CA LYS A 436 -12.08 8.68 -24.28
C LYS A 436 -11.94 7.74 -23.07
N ARG A 437 -10.75 8.01 -22.42
CA ARG A 437 -10.26 7.23 -21.30
C ARG A 437 -11.25 7.19 -20.16
N PHE A 438 -11.89 8.33 -19.89
CA PHE A 438 -12.90 8.41 -18.85
C PHE A 438 -14.30 8.10 -19.34
N GLY A 439 -14.36 7.35 -20.43
CA GLY A 439 -15.61 6.82 -20.91
C GLY A 439 -16.44 7.80 -21.69
N MET A 440 -15.86 8.94 -22.10
CA MET A 440 -16.58 9.93 -22.86
C MET A 440 -16.15 9.88 -24.33
N LYS A 441 -16.86 10.65 -25.11
CA LYS A 441 -16.74 10.70 -26.56
C LYS A 441 -16.02 11.98 -26.90
N PRO A 442 -15.04 12.01 -27.79
CA PRO A 442 -14.26 13.19 -28.09
C PRO A 442 -14.99 14.32 -28.83
N TYR A 443 -14.54 15.54 -28.54
CA TYR A 443 -15.11 16.68 -29.20
C TYR A 443 -14.63 16.73 -30.64
N THR A 444 -15.56 17.09 -31.53
CA THR A 444 -15.26 17.16 -32.95
C THR A 444 -14.85 18.56 -33.39
N SER A 445 -15.01 19.55 -32.52
CA SER A 445 -14.73 20.91 -32.90
C SER A 445 -14.57 21.71 -31.63
N PHE A 446 -13.94 22.78 -31.71
CA PHE A 446 -13.89 23.61 -30.49
C PHE A 446 -15.28 24.14 -30.17
N GLN A 447 -16.04 24.33 -31.23
CA GLN A 447 -17.42 24.86 -31.16
C GLN A 447 -18.31 23.94 -30.31
N GLU A 448 -17.97 22.67 -30.32
CA GLU A 448 -18.69 21.63 -29.55
C GLU A 448 -18.25 21.68 -28.10
N LEU A 449 -16.97 21.97 -27.99
CA LEU A 449 -16.24 22.08 -26.72
C LEU A 449 -16.79 23.27 -25.92
N THR A 450 -16.52 24.45 -26.46
CA THR A 450 -16.95 25.72 -25.86
C THR A 450 -18.48 25.79 -25.86
N GLY A 451 -19.07 26.00 -27.01
CA GLY A 451 -20.55 26.06 -27.12
C GLY A 451 -20.99 27.43 -27.61
N GLU A 452 -20.02 28.09 -28.17
CA GLU A 452 -20.18 29.40 -28.78
C GLU A 452 -19.24 29.41 -29.97
N LYS A 453 -19.11 30.54 -30.63
CA LYS A 453 -18.33 30.61 -31.86
C LYS A 453 -17.07 31.49 -31.75
N GLU A 454 -17.15 32.60 -31.05
CA GLU A 454 -15.99 33.49 -30.97
C GLU A 454 -14.81 32.77 -30.31
N MET A 455 -14.72 32.35 -29.09
CA MET A 455 -13.55 31.76 -28.46
C MET A 455 -13.13 30.51 -29.19
N ALA A 456 -14.13 29.70 -29.51
CA ALA A 456 -13.91 28.45 -30.21
C ALA A 456 -13.08 28.70 -31.44
N ALA A 457 -13.46 29.71 -32.20
CA ALA A 457 -12.80 30.06 -33.43
C ALA A 457 -11.35 30.47 -33.23
N GLU A 458 -11.06 31.28 -32.21
CA GLU A 458 -9.69 31.70 -31.97
C GLU A 458 -8.86 30.56 -31.43
N LEU A 459 -9.51 29.73 -30.64
CA LEU A 459 -8.94 28.58 -29.98
C LEU A 459 -8.51 27.63 -31.08
N GLU A 460 -9.36 27.51 -32.09
CA GLU A 460 -9.09 26.67 -33.23
C GLU A 460 -7.89 27.21 -33.96
N GLU A 461 -7.87 28.51 -34.17
CA GLU A 461 -6.76 29.20 -34.82
C GLU A 461 -5.47 28.96 -34.07
N LEU A 462 -5.52 28.92 -32.75
CA LEU A 462 -4.36 28.65 -31.95
C LEU A 462 -3.91 27.20 -31.89
N TYR A 463 -4.79 26.26 -31.50
CA TYR A 463 -4.39 24.88 -31.33
C TYR A 463 -4.22 24.12 -32.61
N GLY A 464 -4.95 24.50 -33.63
CA GLY A 464 -4.82 23.82 -34.90
C GLY A 464 -5.79 22.66 -34.98
N ASP A 465 -5.94 21.82 -33.97
CA ASP A 465 -6.85 20.68 -34.08
C ASP A 465 -7.65 20.49 -32.80
N ILE A 466 -8.95 20.14 -32.77
CA ILE A 466 -9.61 19.96 -31.48
C ILE A 466 -8.92 18.82 -30.72
N ASP A 467 -8.43 17.85 -31.50
CA ASP A 467 -7.70 16.72 -30.98
C ASP A 467 -6.32 17.10 -30.45
N ALA A 468 -5.99 18.39 -30.24
CA ALA A 468 -4.74 18.85 -29.68
C ALA A 468 -4.97 19.85 -28.53
N LEU A 469 -6.21 19.90 -28.02
CA LEU A 469 -6.51 20.79 -26.92
C LEU A 469 -5.86 20.21 -25.66
N GLU A 470 -5.04 21.03 -25.01
CA GLU A 470 -4.35 20.64 -23.78
C GLU A 470 -5.33 20.22 -22.68
N PHE A 471 -5.01 19.29 -21.76
CA PHE A 471 -5.93 18.86 -20.71
C PHE A 471 -6.49 19.98 -19.81
N TYR A 472 -5.66 20.74 -19.10
CA TYR A 472 -6.23 21.77 -18.25
C TYR A 472 -7.01 22.84 -19.00
N PRO A 473 -6.56 23.50 -20.09
CA PRO A 473 -7.33 24.49 -20.81
C PRO A 473 -8.69 23.95 -21.14
N GLY A 474 -8.75 22.77 -21.76
CA GLY A 474 -10.01 22.19 -22.17
C GLY A 474 -10.97 21.99 -21.02
N LEU A 475 -10.43 21.59 -19.89
CA LEU A 475 -11.20 21.35 -18.69
C LEU A 475 -11.94 22.60 -18.21
N LEU A 476 -11.18 23.69 -18.18
CA LEU A 476 -11.68 24.97 -17.75
C LEU A 476 -12.52 25.74 -18.78
N LEU A 477 -12.24 25.53 -20.06
CA LEU A 477 -12.95 26.22 -21.14
C LEU A 477 -14.15 25.47 -21.66
N GLU A 478 -14.44 24.24 -21.24
CA GLU A 478 -15.63 23.50 -21.66
C GLU A 478 -16.91 24.11 -21.12
N LYS A 479 -17.98 23.89 -21.85
CA LYS A 479 -19.25 24.46 -21.47
C LYS A 479 -19.81 23.89 -20.21
N CYS A 480 -20.22 24.79 -19.34
CA CYS A 480 -20.81 24.35 -18.10
C CYS A 480 -22.10 23.64 -18.37
N HIS A 481 -22.38 22.69 -17.48
CA HIS A 481 -23.64 21.96 -17.50
C HIS A 481 -24.67 23.02 -17.20
N PRO A 482 -25.87 23.00 -17.81
CA PRO A 482 -27.04 23.83 -17.51
C PRO A 482 -26.76 25.04 -16.66
N ASN A 483 -26.85 24.92 -15.35
CA ASN A 483 -26.53 26.08 -14.53
C ASN A 483 -25.73 25.55 -13.36
N SER A 484 -24.56 25.09 -13.78
CA SER A 484 -23.67 24.40 -12.90
C SER A 484 -22.32 25.07 -12.93
N ILE A 485 -21.53 24.76 -11.91
CA ILE A 485 -20.24 25.36 -11.71
C ILE A 485 -19.20 24.88 -12.71
N PHE A 486 -19.36 23.72 -13.31
CA PHE A 486 -18.44 23.25 -14.33
C PHE A 486 -19.22 22.35 -15.23
N GLY A 487 -18.61 21.70 -16.20
CA GLY A 487 -19.34 20.87 -17.14
C GLY A 487 -18.85 19.44 -17.12
N GLU A 488 -19.49 18.61 -17.93
CA GLU A 488 -19.25 17.19 -18.08
C GLU A 488 -17.90 16.63 -17.67
N SER A 489 -16.81 17.01 -18.34
CA SER A 489 -15.49 16.50 -18.04
C SER A 489 -15.02 16.66 -16.62
N MET A 490 -15.30 17.77 -15.96
CA MET A 490 -14.86 17.94 -14.59
C MET A 490 -15.46 16.86 -13.70
N ILE A 491 -16.71 16.50 -13.92
CA ILE A 491 -17.40 15.52 -13.11
C ILE A 491 -16.95 14.14 -13.54
N GLU A 492 -16.99 13.77 -14.81
CA GLU A 492 -16.61 12.43 -15.23
C GLU A 492 -15.15 12.08 -15.01
N MET A 493 -14.22 13.04 -15.07
CA MET A 493 -12.83 12.76 -14.83
C MET A 493 -12.53 12.98 -13.37
N GLY A 494 -13.11 13.97 -12.72
CA GLY A 494 -12.76 14.29 -11.35
C GLY A 494 -13.37 13.31 -10.41
N ALA A 495 -14.61 12.94 -10.65
CA ALA A 495 -15.33 12.14 -9.69
C ALA A 495 -14.63 10.86 -9.35
N PRO A 496 -14.18 9.96 -10.24
CA PRO A 496 -13.45 8.77 -9.85
C PRO A 496 -12.18 9.01 -9.08
N PHE A 497 -11.32 9.95 -9.47
CA PHE A 497 -10.16 10.26 -8.68
C PHE A 497 -10.57 10.59 -7.26
N SER A 498 -11.66 11.35 -7.06
CA SER A 498 -12.11 11.71 -5.75
C SER A 498 -12.70 10.59 -4.91
N LEU A 499 -13.58 9.75 -5.46
CA LEU A 499 -14.18 8.69 -4.67
C LEU A 499 -13.24 7.55 -4.33
N LYS A 500 -12.25 7.25 -5.15
CA LYS A 500 -11.26 6.26 -4.80
C LYS A 500 -10.45 6.82 -3.66
N GLY A 501 -9.98 8.07 -3.68
CA GLY A 501 -9.21 8.62 -2.58
C GLY A 501 -9.90 8.64 -1.23
N LEU A 502 -11.22 8.75 -1.30
CA LEU A 502 -12.04 8.78 -0.13
C LEU A 502 -12.28 7.38 0.34
N LEU A 503 -12.91 6.54 -0.47
CA LEU A 503 -13.18 5.22 0.01
C LEU A 503 -12.04 4.25 0.00
N GLY A 504 -10.97 4.58 -0.65
CA GLY A 504 -9.80 3.75 -0.64
C GLY A 504 -8.94 4.13 0.55
N ASN A 505 -9.55 4.61 1.62
CA ASN A 505 -8.77 5.05 2.75
C ASN A 505 -8.76 3.85 3.67
N PRO A 506 -7.68 3.38 4.29
CA PRO A 506 -7.66 2.20 5.14
C PRO A 506 -8.76 2.17 6.16
N ILE A 507 -9.16 3.31 6.71
CA ILE A 507 -10.22 3.38 7.67
C ILE A 507 -11.50 2.76 7.17
N CYS A 508 -11.79 2.86 5.88
CA CYS A 508 -12.99 2.30 5.32
C CYS A 508 -12.88 0.82 5.15
N SER A 509 -11.75 0.18 5.47
CA SER A 509 -11.63 -1.22 5.18
C SER A 509 -12.39 -2.00 6.24
N PRO A 510 -12.92 -3.20 5.96
CA PRO A 510 -13.61 -4.03 6.93
C PRO A 510 -12.72 -4.27 8.12
N GLU A 511 -11.41 -4.35 7.87
CA GLU A 511 -10.46 -4.55 8.93
C GLU A 511 -10.45 -3.39 9.92
N TYR A 512 -10.67 -2.16 9.50
CA TYR A 512 -10.54 -1.04 10.39
C TYR A 512 -11.84 -0.44 10.81
N TRP A 513 -12.88 -0.45 10.00
CA TRP A 513 -14.08 0.27 10.36
C TRP A 513 -14.90 -0.55 11.31
N LYS A 514 -14.40 -0.54 12.53
CA LYS A 514 -14.95 -1.27 13.66
C LYS A 514 -14.98 -0.20 14.71
N ALA A 515 -15.85 -0.29 15.70
CA ALA A 515 -15.94 0.74 16.72
C ALA A 515 -14.70 0.91 17.57
N SER A 516 -13.94 -0.14 17.79
CA SER A 516 -12.77 -0.07 18.65
C SER A 516 -11.67 0.82 18.11
N THR A 517 -11.54 0.89 16.79
CA THR A 517 -10.55 1.71 16.11
C THR A 517 -10.62 3.14 16.59
N PHE A 518 -11.88 3.55 16.74
CA PHE A 518 -12.22 4.89 17.15
C PHE A 518 -12.32 5.05 18.65
N GLY A 519 -12.18 3.97 19.39
CA GLY A 519 -12.25 4.01 20.85
C GLY A 519 -13.65 3.75 21.39
N GLY A 520 -14.40 2.87 20.76
CA GLY A 520 -15.71 2.53 21.27
C GLY A 520 -16.76 3.39 20.63
N GLU A 521 -18.04 3.16 20.90
CA GLU A 521 -19.12 3.92 20.28
C GLU A 521 -18.96 5.42 20.26
N VAL A 522 -18.43 6.02 21.33
CA VAL A 522 -18.23 7.45 21.49
C VAL A 522 -17.50 8.00 20.30
N GLY A 523 -16.30 7.47 20.09
CA GLY A 523 -15.46 7.92 19.02
C GLY A 523 -16.12 7.63 17.69
N PHE A 524 -16.60 6.40 17.55
CA PHE A 524 -17.18 5.96 16.30
C PHE A 524 -18.39 6.77 15.90
N ASN A 525 -19.17 7.24 16.85
CA ASN A 525 -20.34 8.02 16.52
C ASN A 525 -19.93 9.42 16.15
N LEU A 526 -18.82 9.95 16.71
CA LEU A 526 -18.35 11.25 16.31
C LEU A 526 -18.05 11.21 14.81
N VAL A 527 -17.44 10.16 14.23
CA VAL A 527 -17.21 10.18 12.78
C VAL A 527 -18.53 9.94 12.09
N LYS A 528 -19.43 9.15 12.64
CA LYS A 528 -20.69 8.85 11.99
C LYS A 528 -21.74 9.92 11.95
N THR A 529 -21.58 11.00 12.71
CA THR A 529 -22.53 12.07 12.64
C THR A 529 -21.84 13.40 12.38
N ALA A 530 -20.57 13.43 11.99
CA ALA A 530 -19.83 14.67 11.81
C ALA A 530 -20.55 15.59 10.85
N THR A 531 -20.58 16.89 11.12
CA THR A 531 -21.29 17.81 10.27
C THR A 531 -20.55 19.11 10.32
N LEU A 532 -20.54 19.87 9.22
CA LEU A 532 -19.75 21.09 9.13
C LEU A 532 -20.19 22.03 10.23
N LYS A 533 -21.51 22.17 10.36
CA LYS A 533 -22.02 22.99 11.44
C LYS A 533 -21.49 22.46 12.78
N LYS A 534 -21.53 21.16 13.06
CA LYS A 534 -21.04 20.65 14.32
C LYS A 534 -19.56 20.96 14.46
N LEU A 535 -18.80 20.85 13.38
CA LEU A 535 -17.37 21.05 13.44
C LEU A 535 -17.05 22.46 13.87
N VAL A 536 -17.76 23.41 13.26
CA VAL A 536 -17.48 24.80 13.55
C VAL A 536 -18.13 25.21 14.85
N CYS A 537 -19.41 24.94 15.00
CA CYS A 537 -20.09 25.42 16.16
C CYS A 537 -19.70 24.80 17.46
N LEU A 538 -19.30 23.53 17.53
CA LEU A 538 -18.84 22.98 18.81
C LEU A 538 -17.46 23.46 19.17
N ASN A 539 -16.81 24.28 18.37
CA ASN A 539 -15.50 24.73 18.71
C ASN A 539 -15.40 26.24 18.69
N THR A 540 -16.55 26.89 18.76
CA THR A 540 -16.62 28.32 18.66
C THR A 540 -17.49 28.78 19.84
N LYS A 541 -17.37 29.98 20.43
CA LYS A 541 -18.28 30.30 21.53
C LYS A 541 -19.67 30.64 21.04
N THR A 542 -19.92 30.82 19.75
CA THR A 542 -21.27 31.15 19.34
C THR A 542 -21.40 30.72 17.88
N CYS A 543 -22.53 30.13 17.53
CA CYS A 543 -22.70 29.54 16.23
C CYS A 543 -23.08 30.57 15.17
N PRO A 544 -22.28 30.80 14.14
CA PRO A 544 -22.62 31.66 13.03
C PRO A 544 -23.43 30.92 12.01
N TYR A 545 -23.62 31.51 10.83
CA TYR A 545 -24.28 30.82 9.73
C TYR A 545 -23.13 29.97 9.25
N VAL A 546 -23.27 28.65 9.11
CA VAL A 546 -22.14 27.88 8.61
C VAL A 546 -22.70 27.04 7.50
N SER A 547 -22.16 27.19 6.30
CA SER A 547 -22.65 26.44 5.17
C SER A 547 -21.67 26.51 4.02
N PHE A 548 -21.82 25.56 3.11
CA PHE A 548 -21.06 25.57 1.89
C PHE A 548 -21.86 26.32 0.82
N HIS A 549 -23.07 26.65 1.23
CA HIS A 549 -24.12 27.24 0.43
C HIS A 549 -24.27 28.69 0.83
N VAL A 550 -24.55 29.49 -0.16
CA VAL A 550 -24.83 30.88 0.07
C VAL A 550 -26.30 30.91 0.51
N PRO A 551 -26.56 31.75 1.51
CA PRO A 551 -27.83 31.80 2.19
C PRO A 551 -29.09 32.02 1.38
N ASP A 552 -30.09 31.48 2.08
CA ASP A 552 -31.53 31.43 1.82
C ASP A 552 -32.12 31.18 0.43
N PRO A 553 -31.30 30.87 -0.59
CA PRO A 553 -31.18 31.69 -1.80
C PRO A 553 -31.64 33.16 -1.68
N ARG A 554 -30.59 33.99 -1.52
CA ARG A 554 -30.73 35.43 -1.50
C ARG A 554 -30.66 35.96 -2.96
N VAL B 1 -5.21 -7.13 37.76
CA VAL B 1 -5.77 -5.82 37.43
C VAL B 1 -5.34 -5.75 35.97
N ASN B 2 -6.13 -5.09 35.13
CA ASN B 2 -5.98 -4.97 33.69
C ASN B 2 -6.57 -6.23 33.11
N PRO B 3 -7.84 -6.12 32.70
CA PRO B 3 -8.65 -7.23 32.22
C PRO B 3 -8.03 -7.89 31.01
N CYS B 4 -7.45 -7.09 30.11
CA CYS B 4 -6.90 -7.61 28.88
C CYS B 4 -5.73 -8.55 29.13
N CYS B 5 -5.15 -8.64 30.34
CA CYS B 5 -4.13 -9.62 30.64
C CYS B 5 -4.64 -11.06 30.62
N TYR B 6 -5.96 -11.22 30.73
CA TYR B 6 -6.59 -12.52 30.75
C TYR B 6 -6.96 -12.97 29.37
N TYR B 7 -6.58 -12.19 28.35
CA TYR B 7 -6.89 -12.48 26.97
C TYR B 7 -8.35 -12.85 26.77
N PRO B 8 -9.29 -12.00 27.22
CA PRO B 8 -10.70 -12.32 27.39
C PRO B 8 -11.49 -12.56 26.11
N CYS B 9 -11.12 -11.81 25.06
CA CYS B 9 -11.85 -11.80 23.81
C CYS B 9 -11.30 -12.85 22.87
N GLN B 10 -12.24 -13.77 22.75
CA GLN B 10 -12.09 -14.97 21.92
C GLN B 10 -12.27 -14.64 20.46
N HIS B 11 -12.02 -15.60 19.55
CA HIS B 11 -12.21 -15.44 18.10
C HIS B 11 -11.83 -14.10 17.48
N GLN B 12 -10.68 -13.67 17.98
CA GLN B 12 -9.96 -12.46 17.63
C GLN B 12 -10.78 -11.16 17.73
N GLY B 13 -11.68 -11.14 18.70
CA GLY B 13 -12.35 -9.91 19.02
C GLY B 13 -11.32 -9.03 19.71
N ILE B 14 -11.50 -7.73 19.82
CA ILE B 14 -10.43 -6.94 20.40
C ILE B 14 -10.80 -6.29 21.73
N CYS B 15 -9.92 -6.52 22.72
CA CYS B 15 -10.11 -6.08 24.11
C CYS B 15 -9.72 -4.64 24.27
N VAL B 16 -10.72 -3.77 24.28
CA VAL B 16 -10.44 -2.39 24.58
C VAL B 16 -10.76 -2.18 26.05
N ARG B 17 -9.72 -1.66 26.68
CA ARG B 17 -9.72 -1.36 28.09
C ARG B 17 -10.57 -0.13 28.29
N PHE B 18 -11.58 -0.22 29.12
CA PHE B 18 -12.37 0.97 29.37
C PHE B 18 -12.06 1.54 30.76
N GLY B 19 -12.87 2.45 31.27
CA GLY B 19 -12.59 3.18 32.49
C GLY B 19 -11.92 2.42 33.62
N LEU B 20 -10.60 2.52 33.74
CA LEU B 20 -9.88 1.99 34.89
C LEU B 20 -10.03 0.48 35.15
N ASP B 21 -11.07 0.16 35.91
CA ASP B 21 -11.31 -1.19 36.36
C ASP B 21 -11.95 -2.07 35.32
N ARG B 22 -12.61 -1.54 34.26
CA ARG B 22 -13.34 -2.43 33.37
C ARG B 22 -12.77 -2.46 31.96
N TYR B 23 -13.34 -3.31 31.06
CA TYR B 23 -12.88 -3.48 29.67
C TYR B 23 -14.10 -3.83 28.80
N GLN B 24 -13.90 -4.02 27.49
CA GLN B 24 -14.93 -4.43 26.55
C GLN B 24 -14.33 -5.18 25.37
N CYS B 25 -15.00 -6.23 24.88
CA CYS B 25 -14.52 -6.94 23.71
C CYS B 25 -15.25 -6.45 22.49
N ASP B 26 -14.54 -6.05 21.45
CA ASP B 26 -15.21 -5.64 20.25
C ASP B 26 -15.32 -6.82 19.30
N CYS B 27 -16.46 -7.47 19.22
CA CYS B 27 -16.63 -8.62 18.35
C CYS B 27 -17.10 -8.22 16.95
N THR B 28 -16.74 -7.04 16.41
CA THR B 28 -17.28 -6.65 15.13
C THR B 28 -16.81 -7.60 14.08
N ARG B 29 -17.86 -8.18 13.50
CA ARG B 29 -17.82 -9.23 12.51
C ARG B 29 -16.74 -10.29 12.72
N THR B 30 -16.86 -10.91 13.90
CA THR B 30 -16.03 -12.06 14.26
C THR B 30 -16.77 -13.37 14.04
N GLY B 31 -18.09 -13.25 13.92
CA GLY B 31 -18.94 -14.40 13.78
C GLY B 31 -19.55 -14.77 15.13
N TYR B 32 -19.02 -14.23 16.21
CA TYR B 32 -19.48 -14.53 17.56
C TYR B 32 -20.01 -13.27 18.20
N SER B 33 -20.75 -13.47 19.29
CA SER B 33 -21.37 -12.36 20.00
C SER B 33 -21.18 -12.46 21.50
N GLY B 34 -21.71 -11.46 22.19
CA GLY B 34 -21.71 -11.43 23.63
C GLY B 34 -20.37 -10.98 24.19
N PRO B 35 -20.23 -10.85 25.51
CA PRO B 35 -19.22 -10.02 26.15
C PRO B 35 -17.79 -10.47 25.99
N ASN B 36 -17.54 -11.75 25.73
CA ASN B 36 -16.18 -12.19 25.51
C ASN B 36 -16.06 -12.70 24.09
N CYS B 37 -17.04 -12.41 23.21
CA CYS B 37 -17.14 -12.86 21.82
C CYS B 37 -17.05 -14.37 21.72
N THR B 38 -18.11 -15.01 22.20
CA THR B 38 -18.13 -16.45 22.36
C THR B 38 -19.41 -17.15 21.90
N ILE B 39 -20.51 -16.47 21.66
CA ILE B 39 -21.73 -17.16 21.29
C ILE B 39 -21.73 -17.16 19.78
N PRO B 40 -21.71 -18.31 19.12
CA PRO B 40 -21.56 -18.43 17.69
C PRO B 40 -22.82 -18.07 16.91
N GLU B 41 -22.81 -17.28 15.81
CA GLU B 41 -24.01 -17.16 14.96
C GLU B 41 -24.23 -18.57 14.39
N ILE B 42 -25.47 -18.93 14.02
CA ILE B 42 -25.68 -20.29 13.57
C ILE B 42 -24.80 -20.76 12.41
N TRP B 43 -24.47 -19.82 11.53
CA TRP B 43 -23.56 -20.12 10.43
C TRP B 43 -22.16 -20.39 10.96
N THR B 44 -21.63 -19.44 11.74
CA THR B 44 -20.32 -19.51 12.37
C THR B 44 -20.14 -20.88 12.99
N TRP B 45 -21.16 -21.19 13.79
CA TRP B 45 -21.24 -22.45 14.48
C TRP B 45 -21.07 -23.64 13.55
N LEU B 46 -22.03 -23.77 12.64
CA LEU B 46 -22.10 -24.89 11.75
C LEU B 46 -20.82 -25.13 10.99
N ARG B 47 -20.21 -24.05 10.55
CA ARG B 47 -18.96 -24.11 9.82
C ARG B 47 -17.93 -24.77 10.73
N THR B 48 -17.69 -24.16 11.87
CA THR B 48 -16.67 -24.63 12.77
C THR B 48 -16.91 -26.06 13.19
N THR B 49 -18.16 -26.45 13.45
CA THR B 49 -18.41 -27.81 13.89
C THR B 49 -18.17 -28.81 12.78
N LEU B 50 -18.38 -28.40 11.51
CA LEU B 50 -18.16 -29.31 10.43
C LEU B 50 -16.71 -29.31 9.96
N ARG B 51 -15.91 -28.30 10.33
CA ARG B 51 -14.52 -28.23 9.88
C ARG B 51 -13.74 -29.48 10.33
N PRO B 52 -13.16 -30.27 9.42
CA PRO B 52 -12.42 -31.48 9.75
C PRO B 52 -11.12 -31.19 10.49
N SER B 53 -10.55 -32.13 11.24
CA SER B 53 -9.31 -31.89 11.95
C SER B 53 -8.15 -31.54 11.03
N PRO B 54 -7.30 -30.55 11.30
CA PRO B 54 -6.09 -30.23 10.56
C PRO B 54 -5.22 -31.46 10.34
N SER B 55 -4.89 -32.15 11.40
CA SER B 55 -4.12 -33.38 11.35
C SER B 55 -4.73 -34.35 10.34
N PHE B 56 -6.08 -34.36 10.22
CA PHE B 56 -6.77 -35.21 9.25
C PHE B 56 -6.62 -34.69 7.81
N ILE B 57 -6.83 -33.39 7.59
CA ILE B 57 -6.73 -32.79 6.26
C ILE B 57 -5.34 -33.11 5.72
N HIS B 58 -4.33 -33.06 6.59
CA HIS B 58 -2.96 -33.35 6.21
C HIS B 58 -2.85 -34.73 5.62
N PHE B 59 -3.47 -35.70 6.30
CA PHE B 59 -3.46 -37.04 5.80
C PHE B 59 -4.17 -37.12 4.47
N LEU B 60 -5.22 -36.38 4.23
CA LEU B 60 -5.84 -36.45 2.92
C LEU B 60 -4.92 -35.93 1.86
N LEU B 61 -4.16 -34.90 2.14
CA LEU B 61 -3.21 -34.45 1.17
C LEU B 61 -2.04 -35.42 1.04
N THR B 62 -1.97 -36.48 1.87
CA THR B 62 -0.97 -37.55 1.81
C THR B 62 -1.58 -38.98 1.99
N HIS B 63 -2.70 -39.05 1.29
CA HIS B 63 -3.53 -40.23 1.11
C HIS B 63 -3.18 -40.65 -0.31
N GLY B 64 -3.93 -41.55 -0.95
CA GLY B 64 -3.57 -42.16 -2.22
C GLY B 64 -3.25 -41.32 -3.43
N ARG B 65 -1.95 -41.16 -3.69
CA ARG B 65 -1.43 -40.49 -4.88
C ARG B 65 -2.21 -40.81 -6.16
N TRP B 66 -2.83 -42.00 -6.35
CA TRP B 66 -3.65 -42.26 -7.52
C TRP B 66 -4.77 -41.24 -7.64
N LEU B 67 -5.54 -41.06 -6.57
CA LEU B 67 -6.68 -40.19 -6.57
C LEU B 67 -6.15 -38.79 -6.82
N TRP B 68 -5.04 -38.44 -6.19
CA TRP B 68 -4.48 -37.13 -6.42
C TRP B 68 -3.90 -36.98 -7.81
N ASP B 69 -3.49 -38.02 -8.52
CA ASP B 69 -3.06 -37.84 -9.90
C ASP B 69 -4.26 -37.51 -10.74
N PHE B 70 -5.37 -38.16 -10.45
CA PHE B 70 -6.61 -37.83 -11.12
C PHE B 70 -7.05 -36.43 -10.76
N VAL B 71 -7.13 -36.02 -9.49
CA VAL B 71 -7.57 -34.68 -9.10
C VAL B 71 -6.63 -33.65 -9.72
N ASN B 72 -5.33 -33.90 -9.71
CA ASN B 72 -4.40 -33.00 -10.36
C ASN B 72 -4.62 -32.91 -11.84
N ALA B 73 -5.31 -33.85 -12.46
CA ALA B 73 -5.51 -33.81 -13.91
C ALA B 73 -6.80 -33.14 -14.33
N THR B 74 -7.60 -32.80 -13.33
CA THR B 74 -8.86 -32.17 -13.62
C THR B 74 -8.72 -30.73 -13.20
N PHE B 75 -9.84 -30.01 -13.32
CA PHE B 75 -9.90 -28.66 -12.83
C PHE B 75 -9.94 -28.61 -11.31
N ILE B 76 -10.23 -29.70 -10.60
CA ILE B 76 -10.27 -29.63 -9.15
C ILE B 76 -8.92 -29.17 -8.60
N ARG B 77 -7.81 -29.44 -9.28
CA ARG B 77 -6.51 -28.89 -8.92
C ARG B 77 -6.68 -27.38 -8.66
N ASP B 78 -7.25 -26.71 -9.66
CA ASP B 78 -7.49 -25.28 -9.62
C ASP B 78 -8.47 -24.92 -8.55
N THR B 79 -9.50 -25.69 -8.32
CA THR B 79 -10.48 -25.32 -7.31
C THR B 79 -9.83 -25.37 -5.94
N LEU B 80 -9.17 -26.48 -5.64
CA LEU B 80 -8.58 -26.63 -4.34
C LEU B 80 -7.50 -25.59 -4.23
N MET B 81 -6.73 -25.31 -5.28
CA MET B 81 -5.68 -24.31 -5.22
C MET B 81 -6.26 -22.94 -4.92
N ARG B 82 -7.39 -22.58 -5.50
CA ARG B 82 -8.02 -21.30 -5.26
C ARG B 82 -8.43 -21.24 -3.81
N LEU B 83 -9.06 -22.31 -3.42
CA LEU B 83 -9.54 -22.43 -2.09
C LEU B 83 -8.42 -22.39 -1.08
N VAL B 84 -7.24 -22.96 -1.31
CA VAL B 84 -6.15 -22.89 -0.36
C VAL B 84 -5.80 -21.44 -0.21
N LEU B 85 -5.66 -20.76 -1.34
CA LEU B 85 -5.33 -19.37 -1.40
C LEU B 85 -6.30 -18.53 -0.62
N THR B 86 -7.60 -18.64 -0.83
CA THR B 86 -8.55 -17.75 -0.19
C THR B 86 -8.61 -17.94 1.30
N VAL B 87 -8.84 -19.20 1.65
CA VAL B 87 -8.97 -19.66 3.00
C VAL B 87 -7.75 -19.34 3.82
N ARG B 88 -6.58 -19.71 3.35
CA ARG B 88 -5.39 -19.46 4.13
C ARG B 88 -5.19 -17.96 4.18
N SER B 89 -5.27 -17.21 3.07
CA SER B 89 -5.04 -15.78 3.07
C SER B 89 -5.97 -15.00 3.96
N ASN B 90 -7.19 -15.46 4.22
CA ASN B 90 -8.08 -14.66 5.01
C ASN B 90 -7.62 -14.49 6.43
N LEU B 91 -6.78 -15.38 6.95
CA LEU B 91 -6.33 -15.25 8.30
C LEU B 91 -5.36 -14.09 8.54
N ILE B 92 -4.80 -13.45 7.52
CA ILE B 92 -3.89 -12.36 7.74
C ILE B 92 -4.59 -11.03 7.45
N PRO B 93 -4.68 -10.09 8.41
CA PRO B 93 -5.33 -8.80 8.25
C PRO B 93 -4.82 -7.91 7.13
N SER B 94 -5.67 -7.28 6.32
CA SER B 94 -5.17 -6.31 5.36
C SER B 94 -6.19 -5.22 5.27
N PRO B 95 -5.82 -3.93 5.40
CA PRO B 95 -4.54 -3.40 5.81
C PRO B 95 -3.94 -3.87 7.14
N PRO B 96 -2.65 -3.65 7.44
CA PRO B 96 -1.98 -4.13 8.64
C PRO B 96 -2.61 -3.57 9.89
N THR B 97 -2.41 -4.24 11.00
CA THR B 97 -2.98 -3.71 12.21
C THR B 97 -1.94 -3.10 13.16
N TYR B 98 -1.29 -3.88 14.03
CA TYR B 98 -0.44 -3.39 15.10
C TYR B 98 1.07 -3.39 14.84
N ASN B 99 1.92 -3.03 15.80
CA ASN B 99 3.38 -3.07 15.72
C ASN B 99 3.97 -2.91 17.12
N ILE B 100 5.28 -3.03 17.46
CA ILE B 100 5.72 -2.92 18.86
C ILE B 100 5.24 -1.69 19.60
N ALA B 101 5.18 -0.57 18.87
CA ALA B 101 4.79 0.69 19.46
C ALA B 101 3.31 0.73 19.66
N HIS B 102 2.46 0.10 18.85
CA HIS B 102 1.03 0.26 19.02
C HIS B 102 0.18 -1.00 19.05
N ASP B 103 -0.49 -1.28 20.17
CA ASP B 103 -1.42 -2.38 20.29
C ASP B 103 -2.85 -1.89 20.15
N TYR B 104 -3.04 -1.11 19.09
CA TYR B 104 -4.31 -0.54 18.64
C TYR B 104 -4.12 -0.14 17.18
N ILE B 105 -5.14 0.16 16.37
CA ILE B 105 -4.85 0.55 14.99
C ILE B 105 -4.52 2.03 15.06
N SER B 106 -3.57 2.49 14.28
CA SER B 106 -3.26 3.89 14.28
C SER B 106 -2.81 4.22 12.87
N TRP B 107 -2.80 5.50 12.58
CA TRP B 107 -2.42 5.73 11.17
C TRP B 107 -0.93 5.46 10.99
N GLU B 108 -0.19 5.75 12.05
CA GLU B 108 1.27 5.60 12.06
C GLU B 108 1.66 4.14 11.81
N SER B 109 1.02 3.27 12.56
CA SER B 109 1.25 1.84 12.40
C SER B 109 0.92 1.47 10.98
N PHE B 110 0.03 2.26 10.43
CA PHE B 110 -0.41 2.01 9.08
C PHE B 110 0.55 2.51 8.01
N SER B 111 1.22 3.61 8.30
CA SER B 111 2.16 4.21 7.35
C SER B 111 3.60 4.02 7.87
N ASN B 112 4.24 3.95 8.98
CA ASN B 112 5.69 3.93 9.24
C ASN B 112 5.97 2.50 8.91
N VAL B 113 6.51 2.32 7.74
CA VAL B 113 6.71 1.01 7.20
C VAL B 113 8.07 0.41 7.53
N SER B 114 8.76 0.99 8.50
CA SER B 114 9.95 0.37 9.01
C SER B 114 9.37 -0.43 10.19
N TYR B 115 8.37 -1.30 10.12
CA TYR B 115 7.84 -1.76 11.39
C TYR B 115 7.48 -3.16 11.76
N TYR B 116 7.04 -3.97 10.80
CA TYR B 116 6.60 -5.33 11.09
C TYR B 116 5.28 -5.34 11.88
N THR B 117 4.20 -5.76 11.26
CA THR B 117 2.96 -5.87 11.98
C THR B 117 3.11 -7.10 12.81
N ARG B 118 2.38 -7.13 13.90
CA ARG B 118 2.26 -8.33 14.67
C ARG B 118 0.78 -8.62 14.48
N ILE B 119 0.34 -9.85 14.47
CA ILE B 119 -1.09 -10.05 14.31
C ILE B 119 -1.84 -10.14 15.63
N LEU B 120 -1.09 -10.35 16.71
CA LEU B 120 -1.65 -10.37 18.04
C LEU B 120 -0.81 -9.39 18.82
N PRO B 121 -1.39 -8.48 19.62
CA PRO B 121 -0.73 -7.50 20.45
C PRO B 121 0.19 -8.04 21.52
N SER B 122 0.91 -7.14 22.16
CA SER B 122 1.84 -7.49 23.20
C SER B 122 1.12 -8.01 24.41
N VAL B 123 1.83 -8.77 25.24
CA VAL B 123 1.33 -9.11 26.55
C VAL B 123 1.47 -7.74 27.21
N PRO B 124 0.40 -7.16 27.72
CA PRO B 124 0.40 -5.87 28.33
C PRO B 124 1.44 -5.82 29.40
N ARG B 125 2.33 -4.82 29.31
CA ARG B 125 3.44 -4.61 30.26
C ARG B 125 3.08 -4.43 31.75
N ASP B 126 1.82 -4.52 32.11
CA ASP B 126 1.35 -4.38 33.48
C ASP B 126 0.69 -5.69 33.93
N CYS B 127 0.95 -6.80 33.24
CA CYS B 127 0.39 -8.07 33.67
C CYS B 127 1.21 -8.66 34.81
N PRO B 128 0.63 -9.47 35.70
CA PRO B 128 1.34 -10.24 36.69
C PRO B 128 2.44 -11.12 36.11
N THR B 129 2.14 -12.12 35.27
CA THR B 129 3.24 -12.89 34.75
C THR B 129 3.68 -12.10 33.55
N PRO B 130 4.91 -12.23 33.13
CA PRO B 130 5.37 -11.78 31.82
C PRO B 130 4.63 -12.42 30.66
N MET B 131 3.72 -13.37 30.90
CA MET B 131 2.97 -13.95 29.84
C MET B 131 1.50 -13.67 30.02
N GLY B 132 1.16 -12.73 30.88
CA GLY B 132 -0.23 -12.40 31.09
C GLY B 132 -0.59 -12.76 32.51
N THR B 133 -1.32 -13.84 32.59
CA THR B 133 -1.77 -14.30 33.88
C THR B 133 -1.11 -15.56 34.40
N LYS B 134 -1.05 -16.54 33.52
CA LYS B 134 -0.58 -17.83 33.94
C LYS B 134 0.91 -17.88 33.76
N GLY B 135 1.54 -18.85 34.41
CA GLY B 135 2.96 -19.06 34.17
C GLY B 135 3.81 -18.67 35.36
N LYS B 136 5.08 -19.04 35.27
CA LYS B 136 6.03 -18.69 36.31
C LYS B 136 6.24 -17.19 36.18
N LYS B 137 6.48 -16.67 37.36
CA LYS B 137 6.74 -15.27 37.61
C LYS B 137 7.87 -14.66 36.81
N GLN B 138 8.71 -15.49 36.20
CA GLN B 138 9.93 -15.07 35.51
C GLN B 138 10.26 -16.19 34.50
N LEU B 139 10.50 -15.91 33.21
CA LEU B 139 10.64 -17.02 32.26
C LEU B 139 11.95 -17.78 32.33
N PRO B 140 11.92 -19.04 31.89
CA PRO B 140 13.09 -19.90 31.69
C PRO B 140 14.28 -19.22 31.08
N ASP B 141 15.47 -19.55 31.53
CA ASP B 141 16.65 -18.94 30.96
C ASP B 141 16.85 -19.42 29.53
N ALA B 142 16.78 -18.50 28.56
CA ALA B 142 16.89 -18.83 27.16
C ALA B 142 18.04 -19.72 26.80
N GLU B 143 19.20 -19.33 27.32
CA GLU B 143 20.43 -20.05 27.16
C GLU B 143 20.21 -21.52 27.46
N PHE B 144 19.60 -21.73 28.61
CA PHE B 144 19.28 -23.05 29.09
C PHE B 144 18.30 -23.77 28.16
N LEU B 145 17.09 -23.30 27.86
CA LEU B 145 16.15 -24.02 27.01
C LEU B 145 16.75 -24.46 25.68
N SER B 146 17.58 -23.60 25.16
CA SER B 146 18.18 -23.90 23.90
C SER B 146 19.18 -25.02 24.05
N ARG B 147 20.08 -24.98 25.04
CA ARG B 147 21.05 -26.06 25.21
C ARG B 147 20.37 -27.39 25.57
N ARG B 148 19.36 -27.29 26.42
CA ARG B 148 18.65 -28.43 26.94
C ARG B 148 17.72 -29.08 25.93
N PHE B 149 17.01 -28.30 25.15
CA PHE B 149 16.02 -28.87 24.24
C PHE B 149 16.26 -28.58 22.79
N LEU B 150 16.84 -27.46 22.37
CA LEU B 150 16.91 -27.14 20.95
C LEU B 150 18.12 -27.71 20.27
N LEU B 151 19.17 -27.80 21.05
CA LEU B 151 20.46 -28.26 20.60
C LEU B 151 20.58 -29.66 20.03
N ARG B 152 21.27 -29.73 18.88
CA ARG B 152 21.47 -30.99 18.22
C ARG B 152 22.35 -31.89 19.06
N ARG B 153 21.72 -33.02 19.33
CA ARG B 153 22.37 -34.11 20.05
C ARG B 153 22.99 -35.06 19.02
N LYS B 154 22.17 -35.58 18.09
CA LYS B 154 22.59 -36.48 17.03
C LYS B 154 21.81 -35.96 15.86
N PHE B 155 22.38 -35.86 14.66
CA PHE B 155 21.69 -35.29 13.51
C PHE B 155 20.48 -36.05 13.06
N ILE B 156 19.33 -35.42 13.03
CA ILE B 156 18.17 -36.09 12.49
C ILE B 156 17.91 -35.50 11.12
N PRO B 157 18.08 -36.21 10.00
CA PRO B 157 17.76 -35.72 8.68
C PRO B 157 16.26 -35.50 8.53
N ASP B 158 15.84 -34.65 7.61
CA ASP B 158 14.44 -34.50 7.36
C ASP B 158 13.96 -35.69 6.56
N PRO B 159 12.90 -36.35 7.04
CA PRO B 159 12.25 -37.44 6.37
C PRO B 159 11.71 -37.14 5.00
N GLN B 160 11.20 -35.93 4.74
CA GLN B 160 10.68 -35.59 3.43
C GLN B 160 11.77 -35.58 2.38
N GLY B 161 13.04 -35.52 2.79
CA GLY B 161 14.16 -35.65 1.88
C GLY B 161 14.60 -34.35 1.28
N THR B 162 14.51 -33.33 2.10
CA THR B 162 14.88 -32.00 1.71
C THR B 162 16.38 -31.98 1.69
N ASN B 163 16.93 -31.18 0.80
CA ASN B 163 18.37 -31.11 0.68
C ASN B 163 18.86 -29.73 0.97
N LEU B 164 20.15 -29.48 0.84
CA LEU B 164 20.64 -28.17 1.13
C LEU B 164 20.32 -27.22 0.02
N MET B 165 20.04 -27.61 -1.22
CA MET B 165 19.64 -26.64 -2.26
C MET B 165 18.42 -25.89 -1.78
N PHE B 166 17.52 -26.65 -1.13
CA PHE B 166 16.35 -26.11 -0.51
C PHE B 166 16.79 -25.33 0.68
N ALA B 167 17.60 -25.84 1.59
CA ALA B 167 17.98 -25.10 2.77
C ALA B 167 18.48 -23.72 2.44
N PHE B 168 19.33 -23.63 1.43
CA PHE B 168 19.89 -22.37 1.05
C PHE B 168 18.93 -21.55 0.22
N PHE B 169 18.04 -22.10 -0.59
CA PHE B 169 17.07 -21.32 -1.31
C PHE B 169 16.27 -20.57 -0.28
N ALA B 170 15.78 -21.30 0.70
CA ALA B 170 15.01 -20.75 1.78
C ALA B 170 15.74 -19.65 2.50
N GLN B 171 17.04 -19.78 2.68
CA GLN B 171 17.80 -18.77 3.39
C GLN B 171 17.79 -17.54 2.53
N HIS B 172 18.24 -17.66 1.31
CA HIS B 172 18.31 -16.55 0.38
C HIS B 172 16.99 -15.79 0.27
N PHE B 173 15.94 -16.56 0.00
CA PHE B 173 14.62 -16.05 -0.24
C PHE B 173 14.20 -15.24 0.96
N THR B 174 14.16 -15.86 2.10
CA THR B 174 13.76 -15.23 3.32
C THR B 174 14.50 -13.93 3.64
N HIS B 175 15.76 -13.84 3.27
CA HIS B 175 16.54 -12.67 3.61
C HIS B 175 16.30 -11.44 2.76
N GLN B 176 15.25 -11.43 1.93
CA GLN B 176 14.87 -10.27 1.17
C GLN B 176 13.77 -9.55 1.89
N PHE B 177 13.07 -10.21 2.79
CA PHE B 177 12.05 -9.51 3.55
C PHE B 177 12.30 -9.53 5.04
N PHE B 178 13.20 -10.37 5.54
CA PHE B 178 13.54 -10.32 6.94
C PHE B 178 14.88 -9.67 6.98
N LYS B 179 14.89 -8.45 7.49
CA LYS B 179 16.12 -7.71 7.64
C LYS B 179 15.88 -6.87 8.88
N THR B 180 15.98 -7.42 10.09
CA THR B 180 15.77 -6.64 11.28
C THR B 180 16.85 -5.59 11.37
N SER B 181 16.39 -4.39 11.64
CA SER B 181 17.17 -3.18 11.68
C SER B 181 18.43 -3.18 12.51
N GLY B 182 18.39 -3.85 13.66
CA GLY B 182 19.55 -3.83 14.53
C GLY B 182 19.63 -2.42 15.07
N LYS B 183 20.25 -1.46 14.35
CA LYS B 183 20.39 -0.08 14.84
C LYS B 183 19.11 0.62 15.34
N MET B 184 17.91 0.21 14.91
CA MET B 184 16.69 0.74 15.51
C MET B 184 16.14 -0.22 16.57
N GLY B 185 16.38 -1.51 16.39
CA GLY B 185 15.93 -2.48 17.34
C GLY B 185 15.05 -3.51 16.67
N PRO B 186 14.41 -4.35 17.49
CA PRO B 186 13.43 -5.32 17.07
C PRO B 186 12.18 -4.53 16.77
N GLY B 187 11.35 -5.11 15.90
CA GLY B 187 10.36 -4.32 15.18
C GLY B 187 11.28 -3.80 14.08
N PHE B 188 10.96 -2.82 13.26
CA PHE B 188 11.93 -2.27 12.31
C PHE B 188 12.63 -3.14 11.27
N THR B 189 12.11 -3.11 10.06
CA THR B 189 12.68 -3.80 8.94
C THR B 189 13.32 -2.68 8.20
N LYS B 190 14.46 -3.12 7.67
CA LYS B 190 15.23 -2.32 6.75
C LYS B 190 14.76 -2.72 5.34
N ALA B 191 14.08 -3.87 5.26
CA ALA B 191 13.57 -4.36 4.01
C ALA B 191 12.16 -3.88 3.91
N LEU B 192 12.09 -2.57 3.65
CA LEU B 192 10.83 -1.91 3.43
C LEU B 192 10.37 -2.44 2.08
N GLY B 193 9.12 -2.42 1.70
CA GLY B 193 8.77 -3.13 0.46
C GLY B 193 8.19 -4.48 0.81
N HIS B 194 8.62 -4.95 1.98
CA HIS B 194 7.89 -5.97 2.71
C HIS B 194 7.47 -7.25 2.07
N GLY B 195 8.21 -7.70 1.09
CA GLY B 195 7.83 -8.93 0.46
C GLY B 195 8.85 -9.27 -0.58
N VAL B 196 8.35 -9.82 -1.69
CA VAL B 196 9.22 -10.24 -2.74
C VAL B 196 9.59 -9.08 -3.67
N ASP B 197 10.08 -7.98 -3.11
CA ASP B 197 10.68 -6.92 -3.89
C ASP B 197 12.00 -7.61 -4.07
N LEU B 198 12.64 -7.88 -5.19
CA LEU B 198 13.86 -8.66 -5.11
C LEU B 198 15.07 -7.89 -4.57
N GLY B 199 14.93 -7.13 -3.48
CA GLY B 199 15.96 -6.31 -2.92
C GLY B 199 17.14 -7.09 -2.42
N HIS B 200 17.10 -8.41 -2.44
CA HIS B 200 18.29 -9.15 -2.06
C HIS B 200 19.25 -9.22 -3.24
N ILE B 201 18.71 -9.07 -4.46
CA ILE B 201 19.47 -9.04 -5.70
C ILE B 201 19.81 -7.61 -6.04
N TYR B 202 18.81 -6.74 -5.94
CA TYR B 202 18.94 -5.34 -6.37
C TYR B 202 19.16 -4.30 -5.30
N GLY B 203 18.82 -4.50 -4.04
CA GLY B 203 19.05 -3.48 -3.05
C GLY B 203 17.75 -3.02 -2.40
N ASP B 204 17.91 -2.75 -1.09
CA ASP B 204 16.80 -2.25 -0.28
C ASP B 204 16.66 -0.75 -0.51
N ASN B 205 17.71 -0.09 -1.00
CA ASN B 205 17.64 1.34 -1.28
C ASN B 205 18.15 1.65 -2.68
N LEU B 206 17.44 2.51 -3.42
CA LEU B 206 17.76 2.86 -4.81
C LEU B 206 19.22 3.16 -5.10
N GLU B 207 19.80 4.00 -4.26
CA GLU B 207 21.19 4.41 -4.36
C GLU B 207 22.12 3.22 -4.56
N ARG B 208 21.90 2.10 -3.83
CA ARG B 208 22.68 0.87 -3.94
C ARG B 208 22.28 0.17 -5.23
N GLN B 209 21.01 0.19 -5.62
CA GLN B 209 20.54 -0.45 -6.83
C GLN B 209 21.23 0.16 -8.01
N TYR B 210 21.52 1.46 -7.98
CA TYR B 210 22.22 2.12 -9.05
C TYR B 210 23.69 1.74 -9.04
N GLN B 211 24.21 1.52 -7.84
CA GLN B 211 25.57 1.04 -7.70
C GLN B 211 25.81 -0.36 -8.24
N LEU B 212 24.80 -1.19 -8.28
CA LEU B 212 24.97 -2.53 -8.79
C LEU B 212 24.62 -2.61 -10.25
N ARG B 213 24.06 -1.56 -10.85
CA ARG B 213 23.65 -1.61 -12.22
C ARG B 213 24.73 -1.19 -13.19
N LEU B 214 24.67 -1.86 -14.32
CA LEU B 214 25.63 -1.56 -15.33
C LEU B 214 25.28 -0.29 -16.07
N PHE B 215 23.97 -0.13 -16.23
CA PHE B 215 23.38 0.94 -17.02
C PHE B 215 23.70 0.77 -18.50
N LYS B 216 23.64 -0.50 -18.96
CA LYS B 216 23.77 -0.86 -20.37
C LYS B 216 22.86 -2.06 -20.53
N ASP B 217 22.02 -2.08 -21.56
CA ASP B 217 21.05 -3.15 -21.83
C ASP B 217 20.19 -3.58 -20.65
N GLY B 218 20.02 -2.78 -19.61
CA GLY B 218 19.22 -3.13 -18.44
C GLY B 218 19.99 -4.01 -17.47
N LYS B 219 21.25 -4.18 -17.73
CA LYS B 219 22.04 -5.11 -16.99
C LYS B 219 22.59 -4.53 -15.71
N LEU B 220 22.95 -5.58 -14.95
CA LEU B 220 23.52 -5.58 -13.62
C LEU B 220 25.02 -5.72 -13.80
N LYS B 221 25.86 -5.14 -12.95
CA LYS B 221 27.31 -5.20 -13.12
C LYS B 221 27.77 -6.59 -12.78
N TYR B 222 28.95 -7.00 -13.23
CA TYR B 222 29.50 -8.29 -12.87
C TYR B 222 30.97 -8.28 -13.17
N GLN B 223 31.60 -9.43 -12.88
CA GLN B 223 33.00 -9.67 -13.12
C GLN B 223 33.10 -11.07 -13.72
N MET B 224 34.21 -11.33 -14.37
CA MET B 224 34.42 -12.57 -15.10
C MET B 224 35.63 -13.30 -14.52
N LEU B 225 35.36 -14.41 -13.82
CA LEU B 225 36.41 -15.17 -13.19
C LEU B 225 36.38 -16.55 -13.79
N ASN B 226 37.58 -16.97 -14.20
CA ASN B 226 37.80 -18.22 -14.92
C ASN B 226 36.85 -18.15 -16.12
N GLY B 227 35.97 -19.09 -16.41
CA GLY B 227 35.09 -18.89 -17.55
C GLY B 227 33.89 -18.05 -17.18
N GLU B 228 33.43 -18.09 -15.95
CA GLU B 228 32.12 -17.54 -15.72
C GLU B 228 31.92 -16.13 -15.16
N VAL B 229 30.63 -15.84 -15.19
CA VAL B 229 30.05 -14.57 -14.78
C VAL B 229 29.85 -14.63 -13.28
N TYR B 230 30.52 -13.86 -12.45
CA TYR B 230 30.31 -13.89 -11.02
C TYR B 230 29.97 -12.47 -10.58
N PRO B 231 29.30 -12.15 -9.48
CA PRO B 231 28.98 -10.78 -9.05
C PRO B 231 30.15 -9.82 -9.13
N PRO B 232 30.06 -8.50 -9.30
CA PRO B 232 31.20 -7.63 -9.36
C PRO B 232 31.92 -7.60 -8.02
N SER B 233 33.12 -7.04 -7.97
CA SER B 233 33.80 -6.91 -6.71
C SER B 233 33.36 -5.62 -6.02
N VAL B 234 33.53 -5.45 -4.72
CA VAL B 234 33.21 -4.18 -4.03
C VAL B 234 34.09 -3.04 -4.55
N GLU B 235 35.13 -3.49 -5.28
CA GLU B 235 36.01 -2.63 -6.06
C GLU B 235 35.26 -1.94 -7.20
N GLU B 236 34.46 -2.70 -7.94
CA GLU B 236 33.70 -2.16 -9.05
C GLU B 236 32.32 -1.63 -8.67
N ALA B 237 31.79 -1.99 -7.52
CA ALA B 237 30.51 -1.45 -7.07
C ALA B 237 30.68 -1.26 -5.58
N PRO B 238 31.01 -0.07 -5.08
CA PRO B 238 31.14 0.27 -3.65
C PRO B 238 30.16 -0.31 -2.67
N VAL B 239 28.89 -0.13 -3.01
CA VAL B 239 27.75 -0.73 -2.33
C VAL B 239 27.71 -0.99 -0.80
N LEU B 240 28.66 -1.65 -0.15
CA LEU B 240 28.85 -1.89 1.29
C LEU B 240 29.28 -3.32 1.52
N MET B 241 28.37 -4.30 1.71
CA MET B 241 28.74 -5.66 2.10
C MET B 241 29.35 -5.78 3.51
N HIS B 242 28.85 -6.75 4.26
CA HIS B 242 29.39 -7.04 5.57
C HIS B 242 30.42 -8.12 5.30
N TYR B 243 31.68 -7.89 5.60
CA TYR B 243 32.70 -8.91 5.41
C TYR B 243 33.56 -8.80 6.66
N PRO B 244 34.12 -9.88 7.20
CA PRO B 244 34.96 -9.84 8.37
C PRO B 244 36.16 -8.99 8.04
N ARG B 245 36.21 -8.00 8.94
CA ARG B 245 37.23 -6.98 9.02
C ARG B 245 38.55 -7.49 8.48
N GLY B 246 39.18 -6.80 7.54
CA GLY B 246 40.46 -7.31 7.09
C GLY B 246 40.33 -8.05 5.77
N ILE B 247 39.10 -8.37 5.34
CA ILE B 247 38.93 -8.86 3.98
C ILE B 247 38.90 -7.60 3.09
N PRO B 248 39.56 -7.74 1.93
CA PRO B 248 39.76 -6.63 1.01
C PRO B 248 38.73 -6.53 -0.11
N PRO B 249 38.42 -5.29 -0.49
CA PRO B 249 37.37 -4.96 -1.47
C PRO B 249 37.25 -5.86 -2.69
N GLN B 250 38.43 -6.19 -3.19
CA GLN B 250 38.66 -6.91 -4.40
C GLN B 250 38.18 -8.32 -4.27
N SER B 251 38.39 -8.85 -3.08
CA SER B 251 38.00 -10.22 -2.81
C SER B 251 36.58 -10.33 -2.32
N GLN B 252 35.96 -9.18 -2.12
CA GLN B 252 34.58 -9.17 -1.69
C GLN B 252 33.69 -9.12 -2.92
N MET B 253 32.51 -9.74 -2.92
CA MET B 253 31.64 -9.64 -4.07
C MET B 253 30.49 -8.77 -3.64
N ALA B 254 30.05 -7.90 -4.55
CA ALA B 254 28.97 -6.94 -4.32
C ALA B 254 27.64 -7.49 -4.79
N VAL B 255 26.65 -7.55 -3.91
CA VAL B 255 25.48 -8.31 -4.26
C VAL B 255 24.09 -7.76 -4.17
N GLY B 256 23.69 -7.06 -3.11
CA GLY B 256 22.31 -6.61 -3.04
C GLY B 256 21.87 -6.68 -1.61
N GLN B 257 21.91 -7.91 -1.08
CA GLN B 257 21.71 -8.14 0.36
C GLN B 257 23.11 -8.14 0.98
N GLU B 258 23.37 -7.24 1.91
CA GLU B 258 24.73 -7.04 2.41
C GLU B 258 25.35 -8.21 3.17
N VAL B 259 24.50 -9.05 3.72
CA VAL B 259 24.92 -10.20 4.51
C VAL B 259 25.48 -11.34 3.69
N PHE B 260 25.09 -11.49 2.45
CA PHE B 260 25.41 -12.69 1.70
C PHE B 260 26.86 -13.08 1.52
N GLY B 261 27.82 -12.27 2.01
CA GLY B 261 29.22 -12.66 2.04
C GLY B 261 29.43 -13.86 2.99
N LEU B 262 28.74 -14.06 4.03
CA LEU B 262 28.62 -14.95 5.19
C LEU B 262 28.86 -16.40 4.75
N LEU B 263 28.20 -16.82 3.67
CA LEU B 263 28.37 -18.20 3.15
C LEU B 263 28.31 -18.30 1.64
N PRO B 264 28.89 -19.39 1.08
CA PRO B 264 28.78 -19.68 -0.33
C PRO B 264 27.32 -19.85 -0.65
N GLY B 265 26.65 -20.58 0.23
CA GLY B 265 25.22 -20.84 0.09
C GLY B 265 24.56 -19.59 -0.48
N LEU B 266 24.53 -18.56 0.33
CA LEU B 266 23.90 -17.29 -0.04
C LEU B 266 24.47 -16.75 -1.38
N MET B 267 25.80 -16.81 -1.52
CA MET B 267 26.48 -16.27 -2.73
C MET B 267 26.14 -17.08 -4.02
N LEU B 268 26.11 -18.39 -3.89
CA LEU B 268 25.81 -19.30 -5.00
C LEU B 268 24.55 -18.81 -5.76
N TYR B 269 23.50 -18.70 -4.98
CA TYR B 269 22.17 -18.31 -5.47
C TYR B 269 22.16 -16.90 -6.08
N ALA B 270 22.79 -15.96 -5.39
CA ALA B 270 22.85 -14.57 -5.87
C ALA B 270 23.58 -14.53 -7.22
N THR B 271 24.55 -15.45 -7.45
CA THR B 271 25.19 -15.59 -8.73
C THR B 271 24.16 -16.09 -9.73
N ILE B 272 23.40 -17.17 -9.44
CA ILE B 272 22.42 -17.69 -10.40
C ILE B 272 21.46 -16.57 -10.77
N TRP B 273 20.82 -15.92 -9.81
CA TRP B 273 19.90 -14.87 -10.15
C TRP B 273 20.54 -13.68 -10.86
N LEU B 274 21.82 -13.34 -10.72
CA LEU B 274 22.43 -12.26 -11.50
C LEU B 274 22.55 -12.69 -12.94
N ARG B 275 22.98 -13.93 -13.14
CA ARG B 275 23.12 -14.49 -14.47
C ARG B 275 21.75 -14.52 -15.12
N GLU B 276 20.72 -14.98 -14.41
CA GLU B 276 19.37 -14.96 -14.91
C GLU B 276 18.88 -13.59 -15.28
N HIS B 277 19.27 -12.54 -14.55
CA HIS B 277 18.83 -11.19 -14.88
C HIS B 277 19.42 -10.80 -16.22
N GLN B 278 20.73 -10.90 -16.36
CA GLN B 278 21.37 -10.62 -17.62
C GLN B 278 20.75 -11.30 -18.82
N ARG B 279 20.49 -12.58 -18.68
CA ARG B 279 19.90 -13.38 -19.71
C ARG B 279 18.61 -12.76 -20.16
N VAL B 280 17.73 -12.51 -19.19
CA VAL B 280 16.43 -11.96 -19.50
C VAL B 280 16.63 -10.63 -20.19
N CYS B 281 17.52 -9.74 -19.71
CA CYS B 281 17.77 -8.50 -20.37
C CYS B 281 18.00 -8.73 -21.84
N ASP B 282 18.87 -9.65 -22.22
CA ASP B 282 19.15 -9.85 -23.62
C ASP B 282 17.96 -10.31 -24.42
N LEU B 283 17.08 -11.14 -23.89
CA LEU B 283 15.96 -11.59 -24.69
C LEU B 283 15.06 -10.41 -24.96
N LEU B 284 14.90 -9.61 -23.91
CA LEU B 284 14.08 -8.44 -23.99
C LEU B 284 14.71 -7.45 -24.96
N LYS B 285 16.03 -7.25 -24.96
CA LYS B 285 16.73 -6.34 -25.85
C LYS B 285 16.45 -6.78 -27.29
N ALA B 286 16.55 -8.08 -27.51
CA ALA B 286 16.33 -8.66 -28.81
C ALA B 286 14.94 -8.40 -29.33
N GLU B 287 13.98 -8.39 -28.42
CA GLU B 287 12.60 -8.17 -28.76
C GLU B 287 12.27 -6.73 -29.06
N HIS B 288 12.82 -5.83 -28.25
CA HIS B 288 12.48 -4.45 -28.35
C HIS B 288 13.76 -3.62 -28.48
N PRO B 289 14.33 -3.47 -29.68
CA PRO B 289 15.54 -2.67 -29.92
C PRO B 289 15.44 -1.21 -29.51
N THR B 290 14.24 -0.72 -29.30
CA THR B 290 13.95 0.63 -28.86
C THR B 290 14.19 0.95 -27.40
N TRP B 291 13.95 -0.10 -26.59
CA TRP B 291 13.77 -0.02 -25.17
C TRP B 291 14.72 0.83 -24.35
N GLY B 292 16.04 0.76 -24.48
CA GLY B 292 16.88 1.59 -23.60
C GLY B 292 17.08 0.96 -22.22
N ASP B 293 18.07 1.41 -21.43
CA ASP B 293 18.44 0.68 -20.22
C ASP B 293 17.43 0.57 -19.11
N GLU B 294 16.89 1.68 -18.63
CA GLU B 294 15.96 1.67 -17.52
C GLU B 294 14.82 0.72 -17.78
N GLN B 295 14.19 0.75 -18.97
CA GLN B 295 13.03 -0.10 -19.18
C GLN B 295 13.44 -1.55 -19.25
N LEU B 296 14.62 -1.87 -19.78
CA LEU B 296 15.07 -3.25 -19.79
C LEU B 296 15.29 -3.73 -18.37
N PHE B 297 15.93 -2.91 -17.54
CA PHE B 297 16.14 -3.22 -16.15
C PHE B 297 14.86 -3.50 -15.41
N GLN B 298 13.98 -2.52 -15.36
CA GLN B 298 12.70 -2.64 -14.70
C GLN B 298 11.88 -3.80 -15.25
N THR B 299 11.81 -4.04 -16.56
CA THR B 299 11.02 -5.14 -17.06
C THR B 299 11.68 -6.42 -16.63
N ALA B 300 13.00 -6.48 -16.52
CA ALA B 300 13.66 -7.69 -16.06
C ALA B 300 13.32 -7.96 -14.59
N LYS B 301 13.31 -6.94 -13.71
CA LYS B 301 12.99 -7.11 -12.30
C LYS B 301 11.61 -7.71 -12.22
N LEU B 302 10.68 -7.27 -13.04
CA LEU B 302 9.35 -7.85 -13.04
C LEU B 302 9.38 -9.31 -13.47
N ILE B 303 10.12 -9.73 -14.51
CA ILE B 303 10.12 -11.11 -14.93
C ILE B 303 10.67 -11.94 -13.79
N LEU B 304 11.78 -11.52 -13.21
CA LEU B 304 12.41 -12.31 -12.20
C LEU B 304 11.58 -12.39 -10.96
N ILE B 305 10.84 -11.37 -10.60
CA ILE B 305 9.94 -11.48 -9.48
C ILE B 305 8.94 -12.54 -9.88
N GLY B 306 8.33 -12.51 -11.05
CA GLY B 306 7.39 -13.53 -11.49
C GLY B 306 7.95 -14.94 -11.41
N GLU B 307 9.22 -15.08 -11.74
CA GLU B 307 9.89 -16.36 -11.67
C GLU B 307 10.00 -16.80 -10.24
N THR B 308 10.62 -15.99 -9.38
CA THR B 308 10.76 -16.31 -7.98
C THR B 308 9.46 -16.76 -7.35
N ILE B 309 8.38 -16.07 -7.60
CA ILE B 309 7.12 -16.39 -6.95
C ILE B 309 6.49 -17.61 -7.60
N LYS B 310 6.84 -18.03 -8.81
CA LYS B 310 6.32 -19.28 -9.34
C LYS B 310 7.06 -20.45 -8.70
N ILE B 311 8.39 -20.40 -8.75
CA ILE B 311 9.26 -21.43 -8.21
C ILE B 311 8.94 -21.68 -6.75
N VAL B 312 8.62 -20.62 -6.01
CA VAL B 312 8.28 -20.80 -4.63
C VAL B 312 6.99 -21.57 -4.52
N ILE B 313 5.93 -21.26 -5.25
CA ILE B 313 4.69 -21.98 -5.07
C ILE B 313 4.79 -23.39 -5.62
N GLU B 314 5.13 -23.55 -6.88
CA GLU B 314 5.09 -24.86 -7.46
C GLU B 314 6.24 -25.79 -7.08
N GLU B 315 7.39 -25.32 -6.62
CA GLU B 315 8.45 -26.24 -6.28
C GLU B 315 8.84 -26.15 -4.82
N TYR B 316 9.23 -25.01 -4.25
CA TYR B 316 9.63 -24.90 -2.87
C TYR B 316 8.54 -25.31 -1.93
N VAL B 317 7.37 -24.69 -1.95
CA VAL B 317 6.26 -25.05 -1.05
C VAL B 317 5.72 -26.46 -1.35
N GLN B 318 5.81 -26.92 -2.58
CA GLN B 318 5.39 -28.27 -2.91
C GLN B 318 6.37 -29.22 -2.27
N GLN B 319 7.67 -28.89 -2.14
CA GLN B 319 8.60 -29.78 -1.48
C GLN B 319 8.31 -29.81 0.00
N LEU B 320 8.29 -28.70 0.74
CA LEU B 320 8.02 -28.90 2.14
C LEU B 320 6.58 -29.13 2.53
N SER B 321 5.54 -29.02 1.72
CA SER B 321 4.24 -29.41 2.21
C SER B 321 4.11 -30.93 2.15
N GLY B 322 4.61 -31.45 1.02
CA GLY B 322 4.61 -32.86 0.70
C GLY B 322 3.22 -33.35 0.29
N TYR B 323 2.37 -32.42 -0.13
CA TYR B 323 1.02 -32.76 -0.53
C TYR B 323 1.08 -33.38 -1.90
N PHE B 324 0.16 -34.29 -2.20
CA PHE B 324 0.08 -34.83 -3.54
C PHE B 324 -0.76 -33.92 -4.40
N LEU B 325 -1.38 -32.87 -3.84
CA LEU B 325 -2.08 -31.90 -4.66
C LEU B 325 -1.00 -31.18 -5.46
N GLN B 326 -1.17 -30.96 -6.73
CA GLN B 326 -0.20 -30.22 -7.50
C GLN B 326 -0.59 -28.77 -7.35
N LEU B 327 0.24 -28.05 -6.60
CA LEU B 327 -0.02 -26.65 -6.35
C LEU B 327 0.25 -25.87 -7.63
N LYS B 328 -0.41 -24.73 -7.88
CA LYS B 328 -0.07 -23.91 -9.03
C LYS B 328 -0.16 -22.44 -8.75
N PHE B 329 0.75 -21.71 -9.35
CA PHE B 329 0.73 -20.30 -9.28
C PHE B 329 -0.05 -19.80 -10.48
N ASP B 330 -1.33 -19.47 -10.28
CA ASP B 330 -2.10 -18.87 -11.33
C ASP B 330 -2.80 -17.73 -10.65
N PRO B 331 -2.33 -16.49 -10.77
CA PRO B 331 -2.89 -15.32 -10.12
C PRO B 331 -4.37 -15.16 -10.40
N GLU B 332 -4.78 -15.68 -11.56
CA GLU B 332 -6.15 -15.58 -11.98
C GLU B 332 -7.11 -16.31 -11.08
N LEU B 333 -6.68 -17.23 -10.22
CA LEU B 333 -7.61 -17.90 -9.32
C LEU B 333 -8.19 -16.88 -8.36
N LEU B 334 -7.44 -15.81 -8.08
CA LEU B 334 -7.93 -14.83 -7.16
C LEU B 334 -8.67 -13.66 -7.73
N PHE B 335 -8.83 -13.58 -9.05
CA PHE B 335 -9.50 -12.44 -9.64
C PHE B 335 -10.96 -12.41 -9.33
N GLY B 336 -11.53 -13.51 -8.87
CA GLY B 336 -12.94 -13.50 -8.47
C GLY B 336 -13.11 -13.30 -6.97
N ALA B 337 -12.02 -13.28 -6.21
CA ALA B 337 -12.05 -13.22 -4.77
C ALA B 337 -11.99 -11.81 -4.29
N GLN B 338 -12.23 -11.64 -3.00
CA GLN B 338 -12.08 -10.34 -2.40
C GLN B 338 -10.73 -10.53 -1.75
N PHE B 339 -9.73 -10.03 -2.42
CA PHE B 339 -8.39 -10.20 -1.94
C PHE B 339 -7.83 -8.80 -2.04
N GLN B 340 -6.98 -8.47 -1.09
CA GLN B 340 -6.33 -7.19 -1.11
C GLN B 340 -4.95 -7.53 -1.58
N TYR B 341 -4.36 -6.72 -2.45
CA TYR B 341 -3.02 -6.99 -2.94
C TYR B 341 -1.99 -6.12 -2.21
N ARG B 342 -1.66 -6.36 -0.94
CA ARG B 342 -0.59 -5.65 -0.24
C ARG B 342 -0.07 -6.57 0.86
N ASN B 343 1.17 -6.46 1.34
CA ASN B 343 1.65 -7.35 2.40
C ASN B 343 2.50 -6.58 3.39
N ARG B 344 2.58 -7.01 4.64
CA ARG B 344 3.40 -6.35 5.64
C ARG B 344 4.00 -7.53 6.40
N ILE B 345 5.30 -7.89 6.34
CA ILE B 345 5.72 -9.12 6.99
C ILE B 345 5.79 -8.87 8.47
N ALA B 346 5.12 -9.79 9.13
CA ALA B 346 4.93 -9.79 10.54
C ALA B 346 6.08 -10.32 11.36
N MET B 347 6.30 -9.75 12.53
CA MET B 347 7.38 -10.19 13.41
C MET B 347 7.27 -11.65 13.79
N GLU B 348 6.04 -12.14 13.91
CA GLU B 348 5.83 -13.52 14.28
C GLU B 348 6.29 -14.34 13.10
N PHE B 349 5.98 -13.93 11.88
CA PHE B 349 6.41 -14.67 10.72
C PHE B 349 7.93 -14.72 10.67
N ASN B 350 8.61 -13.71 11.17
CA ASN B 350 10.06 -13.74 11.25
C ASN B 350 10.48 -14.79 12.25
N GLN B 351 9.89 -14.90 13.44
CA GLN B 351 10.26 -15.93 14.41
C GLN B 351 10.12 -17.33 13.83
N LEU B 352 8.99 -17.59 13.22
CA LEU B 352 8.67 -18.87 12.63
C LEU B 352 9.59 -19.29 11.51
N TYR B 353 10.15 -18.35 10.76
CA TYR B 353 11.04 -18.74 9.70
C TYR B 353 12.42 -18.83 10.27
N HIS B 354 12.62 -18.82 11.57
CA HIS B 354 13.93 -19.02 12.17
C HIS B 354 14.40 -20.44 12.12
N TRP B 355 14.19 -21.13 11.02
CA TRP B 355 14.45 -22.51 11.04
C TRP B 355 15.82 -23.03 10.51
N HIS B 356 16.68 -22.75 11.49
CA HIS B 356 18.08 -23.15 11.49
C HIS B 356 18.37 -24.63 11.66
N PRO B 357 17.52 -25.52 12.21
CA PRO B 357 17.73 -26.96 12.18
C PRO B 357 18.06 -27.60 10.83
N LEU B 358 17.78 -26.90 9.73
CA LEU B 358 18.09 -27.44 8.43
C LEU B 358 19.59 -27.55 8.22
N MET B 359 20.36 -26.64 8.84
CA MET B 359 21.78 -26.63 8.62
C MET B 359 22.39 -27.88 9.21
N PRO B 360 23.30 -28.55 8.49
CA PRO B 360 23.80 -29.87 8.80
C PRO B 360 25.01 -29.85 9.74
N ASP B 361 25.81 -30.89 9.87
CA ASP B 361 26.94 -30.86 10.78
C ASP B 361 28.17 -30.36 10.05
N SER B 362 28.27 -30.69 8.78
CA SER B 362 29.37 -30.28 7.95
C SER B 362 28.84 -30.24 6.53
N PHE B 363 29.61 -29.67 5.63
CA PHE B 363 29.16 -29.43 4.28
C PHE B 363 29.99 -30.27 3.36
N ARG B 364 29.43 -31.34 2.80
CA ARG B 364 30.20 -32.18 1.93
C ARG B 364 30.09 -31.72 0.49
N VAL B 365 31.04 -30.96 -0.01
CA VAL B 365 30.97 -30.70 -1.42
C VAL B 365 32.01 -31.61 -2.01
N GLY B 366 31.67 -32.15 -3.17
CA GLY B 366 32.52 -33.11 -3.81
C GLY B 366 32.51 -34.33 -2.88
N PRO B 367 33.64 -35.02 -2.74
CA PRO B 367 33.84 -35.97 -1.68
C PRO B 367 34.63 -35.39 -0.51
N GLN B 368 34.52 -34.12 -0.10
CA GLN B 368 35.25 -33.66 1.09
C GLN B 368 34.29 -32.88 1.92
N ASP B 369 34.19 -33.23 3.21
CA ASP B 369 33.36 -32.50 4.16
C ASP B 369 34.03 -31.19 4.52
N TYR B 370 33.31 -30.11 4.73
CA TYR B 370 33.92 -28.87 5.16
C TYR B 370 33.30 -28.58 6.47
N SER B 371 34.07 -27.98 7.35
CA SER B 371 33.53 -27.62 8.63
C SER B 371 32.81 -26.30 8.48
N TYR B 372 32.00 -25.92 9.46
CA TYR B 372 31.43 -24.58 9.48
C TYR B 372 32.56 -23.59 9.47
N GLU B 373 33.65 -23.85 10.17
CA GLU B 373 34.74 -22.88 10.15
C GLU B 373 35.51 -22.92 8.85
N GLN B 374 35.17 -23.80 7.92
CA GLN B 374 35.73 -23.69 6.61
C GLN B 374 34.69 -23.08 5.65
N PHE B 375 33.42 -23.35 5.92
CA PHE B 375 32.36 -22.93 5.05
C PHE B 375 32.07 -21.45 5.23
N LEU B 376 31.73 -21.05 6.44
CA LEU B 376 31.35 -19.67 6.68
C LEU B 376 32.54 -18.79 6.41
N PHE B 377 32.21 -17.77 5.63
CA PHE B 377 33.06 -16.72 5.09
C PHE B 377 34.04 -17.18 4.03
N ASN B 378 34.01 -18.43 3.55
CA ASN B 378 34.98 -18.90 2.59
C ASN B 378 34.74 -18.16 1.29
N THR B 379 35.67 -17.28 0.96
CA THR B 379 35.51 -16.45 -0.21
C THR B 379 35.79 -17.09 -1.56
N SER B 380 36.61 -18.13 -1.56
CA SER B 380 36.96 -18.77 -2.80
C SER B 380 36.08 -19.91 -3.24
N MET B 381 35.46 -20.63 -2.31
CA MET B 381 34.73 -21.84 -2.63
C MET B 381 33.82 -21.79 -3.83
N LEU B 382 33.10 -20.68 -3.97
CA LEU B 382 32.17 -20.49 -5.09
C LEU B 382 32.89 -20.48 -6.41
N VAL B 383 33.94 -19.67 -6.44
CA VAL B 383 34.71 -19.46 -7.65
C VAL B 383 35.48 -20.71 -7.98
N ASP B 384 35.91 -21.39 -6.93
CA ASP B 384 36.66 -22.62 -7.07
C ASP B 384 35.84 -23.75 -7.62
N TYR B 385 34.62 -23.99 -7.16
CA TYR B 385 33.88 -25.12 -7.67
C TYR B 385 32.99 -24.76 -8.83
N GLY B 386 32.53 -23.51 -8.82
CA GLY B 386 31.65 -23.01 -9.86
C GLY B 386 30.22 -23.46 -9.60
N VAL B 387 29.27 -22.58 -9.94
CA VAL B 387 27.84 -22.82 -9.72
C VAL B 387 27.37 -24.26 -10.00
N GLU B 388 27.79 -24.84 -11.12
CA GLU B 388 27.41 -26.18 -11.53
C GLU B 388 27.67 -27.22 -10.43
N ALA B 389 28.90 -27.23 -9.92
CA ALA B 389 29.31 -28.22 -8.94
C ALA B 389 28.55 -28.07 -7.62
N LEU B 390 28.54 -26.85 -7.09
CA LEU B 390 27.92 -26.63 -5.80
C LEU B 390 26.46 -26.94 -5.84
N VAL B 391 25.76 -26.61 -6.92
CA VAL B 391 24.36 -26.97 -7.02
C VAL B 391 24.20 -28.47 -6.84
N ASP B 392 25.02 -29.27 -7.50
CA ASP B 392 24.91 -30.70 -7.42
C ASP B 392 25.14 -31.23 -6.02
N ALA B 393 26.11 -30.61 -5.36
CA ALA B 393 26.46 -31.03 -4.03
C ALA B 393 25.35 -30.77 -3.03
N PHE B 394 24.89 -29.53 -3.05
CA PHE B 394 23.85 -29.11 -2.14
C PHE B 394 22.58 -29.85 -2.50
N SER B 395 22.40 -30.24 -3.76
CA SER B 395 21.23 -30.97 -4.14
C SER B 395 21.22 -32.37 -3.59
N ARG B 396 22.39 -32.92 -3.23
CA ARG B 396 22.44 -34.27 -2.70
C ARG B 396 22.51 -34.34 -1.20
N GLN B 397 23.15 -33.41 -0.48
CA GLN B 397 23.20 -33.53 0.98
C GLN B 397 21.87 -33.24 1.65
N PRO B 398 21.34 -34.04 2.57
CA PRO B 398 20.06 -33.82 3.22
C PRO B 398 20.11 -32.73 4.28
N ALA B 399 19.01 -32.01 4.41
CA ALA B 399 18.88 -30.95 5.37
C ALA B 399 18.25 -31.53 6.63
N GLY B 400 18.43 -30.94 7.79
CA GLY B 400 17.88 -31.49 9.02
C GLY B 400 16.39 -31.32 9.22
N ARG B 401 15.84 -32.09 10.17
CA ARG B 401 14.44 -31.99 10.52
C ARG B 401 14.26 -30.64 11.21
N ILE B 402 13.14 -29.97 11.03
CA ILE B 402 12.99 -28.67 11.64
C ILE B 402 12.31 -28.85 12.99
N GLY B 403 11.14 -29.47 12.91
CA GLY B 403 10.28 -29.67 14.05
C GLY B 403 10.79 -30.79 14.90
N GLY B 404 10.17 -31.02 16.06
CA GLY B 404 10.58 -32.13 16.88
C GLY B 404 11.57 -31.73 17.97
N GLY B 405 12.45 -30.75 17.77
CA GLY B 405 13.38 -30.38 18.81
C GLY B 405 14.67 -31.20 18.75
N ARG B 406 15.66 -30.71 19.52
CA ARG B 406 16.99 -31.26 19.66
C ARG B 406 17.80 -31.41 18.37
N ASN B 407 17.65 -30.41 17.48
CA ASN B 407 18.30 -30.50 16.19
C ASN B 407 19.03 -29.24 15.70
N ILE B 408 19.21 -28.19 16.48
CA ILE B 408 19.92 -27.00 16.05
C ILE B 408 21.40 -27.27 16.26
N ASP B 409 22.24 -27.44 15.25
CA ASP B 409 23.68 -27.67 15.46
C ASP B 409 24.33 -26.57 16.30
N HIS B 410 25.19 -26.93 17.24
CA HIS B 410 25.74 -25.95 18.18
C HIS B 410 26.34 -24.68 17.61
N HIS B 411 26.97 -24.76 16.42
CA HIS B 411 27.58 -23.59 15.81
C HIS B 411 26.62 -22.43 15.64
N ILE B 412 25.34 -22.71 15.37
CA ILE B 412 24.37 -21.67 15.18
C ILE B 412 23.36 -21.68 16.33
N LEU B 413 23.49 -22.51 17.38
CA LEU B 413 22.52 -22.61 18.48
C LEU B 413 22.27 -21.31 19.21
N HIS B 414 23.30 -20.46 19.20
CA HIS B 414 23.20 -19.16 19.82
C HIS B 414 22.08 -18.32 19.22
N VAL B 415 21.85 -18.48 17.91
CA VAL B 415 20.81 -17.73 17.20
C VAL B 415 19.47 -18.02 17.82
N ALA B 416 19.12 -19.30 17.97
CA ALA B 416 17.86 -19.67 18.60
C ALA B 416 17.73 -19.06 19.99
N VAL B 417 18.86 -18.95 20.70
CA VAL B 417 18.86 -18.28 21.99
C VAL B 417 18.46 -16.84 21.76
N ASP B 418 19.04 -16.10 20.82
CA ASP B 418 18.66 -14.71 20.59
C ASP B 418 17.21 -14.56 20.18
N VAL B 419 16.67 -15.54 19.44
CA VAL B 419 15.28 -15.54 19.02
C VAL B 419 14.36 -15.54 20.20
N ILE B 420 14.59 -16.45 21.14
CA ILE B 420 13.76 -16.55 22.32
C ILE B 420 13.85 -15.22 23.05
N LYS B 421 15.03 -14.63 23.20
CA LYS B 421 15.14 -13.34 23.87
C LYS B 421 14.42 -12.24 23.10
N GLU B 422 14.36 -12.30 21.79
CA GLU B 422 13.65 -11.28 21.03
C GLU B 422 12.18 -11.52 21.27
N SER B 423 11.64 -12.75 21.27
CA SER B 423 10.25 -13.04 21.62
C SER B 423 9.89 -12.31 22.89
N ARG B 424 10.86 -12.30 23.79
CA ARG B 424 10.70 -11.65 25.06
C ARG B 424 10.68 -10.15 25.01
N VAL B 425 11.55 -9.50 24.24
CA VAL B 425 11.57 -8.03 24.12
C VAL B 425 10.28 -7.56 23.48
N LEU B 426 9.94 -8.27 22.47
CA LEU B 426 8.77 -8.19 21.60
C LEU B 426 7.50 -8.41 22.41
N ARG B 427 7.66 -9.07 23.53
CA ARG B 427 6.54 -9.37 24.42
C ARG B 427 5.47 -10.19 23.70
N LEU B 428 5.92 -11.01 22.74
CA LEU B 428 4.98 -11.87 21.98
C LEU B 428 4.11 -12.64 22.96
N GLN B 429 2.87 -12.79 22.59
CA GLN B 429 1.92 -13.49 23.45
C GLN B 429 2.29 -14.97 23.52
N PRO B 430 1.55 -15.74 24.30
CA PRO B 430 1.84 -17.16 24.41
C PRO B 430 1.76 -17.77 23.04
N PHE B 431 2.06 -18.93 23.03
CA PHE B 431 2.07 -19.76 21.84
C PHE B 431 0.62 -20.07 21.45
N ASN B 432 -0.03 -20.67 22.41
CA ASN B 432 -1.42 -21.14 22.30
C ASN B 432 -2.35 -20.00 21.91
N GLU B 433 -2.17 -18.83 22.47
CA GLU B 433 -3.02 -17.71 22.09
C GLU B 433 -2.98 -17.66 20.55
N TYR B 434 -1.77 -17.83 20.04
CA TYR B 434 -1.51 -17.82 18.58
C TYR B 434 -2.13 -19.06 17.93
N ARG B 435 -2.25 -20.09 18.72
CA ARG B 435 -2.85 -21.35 18.27
C ARG B 435 -4.33 -21.12 18.00
N LYS B 436 -4.99 -20.57 19.01
CA LYS B 436 -6.40 -20.24 18.95
C LYS B 436 -6.68 -19.38 17.70
N ARG B 437 -5.77 -18.34 17.65
CA ARG B 437 -5.82 -17.29 16.66
C ARG B 437 -5.75 -17.83 15.25
N PHE B 438 -4.91 -18.85 15.04
CA PHE B 438 -4.79 -19.48 13.74
C PHE B 438 -5.75 -20.64 13.55
N GLY B 439 -6.83 -20.61 14.30
CA GLY B 439 -7.92 -21.54 14.12
C GLY B 439 -7.69 -22.89 14.72
N MET B 440 -6.68 -23.03 15.59
CA MET B 440 -6.39 -24.30 16.22
C MET B 440 -6.86 -24.27 17.68
N LYS B 441 -6.76 -25.42 18.29
CA LYS B 441 -7.25 -25.71 19.63
C LYS B 441 -6.04 -25.77 20.52
N PRO B 442 -6.02 -25.18 21.71
CA PRO B 442 -4.85 -25.14 22.57
C PRO B 442 -4.44 -26.47 23.22
N TYR B 443 -3.14 -26.60 23.44
CA TYR B 443 -2.63 -27.78 24.08
C TYR B 443 -2.98 -27.75 25.55
N THR B 444 -3.35 -28.92 26.06
CA THR B 444 -3.75 -29.06 27.46
C THR B 444 -2.58 -29.47 28.36
N SER B 445 -1.45 -29.86 27.76
CA SER B 445 -0.35 -30.36 28.54
C SER B 445 0.88 -30.28 27.67
N PHE B 446 1.98 -30.27 28.25
CA PHE B 446 3.18 -30.31 27.39
C PHE B 446 3.26 -31.67 26.69
N GLN B 447 2.74 -32.66 27.38
CA GLN B 447 2.71 -34.05 26.91
C GLN B 447 1.96 -34.18 25.58
N GLU B 448 0.99 -33.29 25.41
CA GLU B 448 0.15 -33.23 24.19
C GLU B 448 0.93 -32.52 23.09
N LEU B 449 1.66 -31.55 23.56
CA LEU B 449 2.52 -30.67 22.76
C LEU B 449 3.65 -31.49 22.12
N THR B 450 4.54 -31.96 23.00
CA THR B 450 5.68 -32.76 22.60
C THR B 450 5.20 -34.10 22.02
N GLY B 451 4.71 -34.98 22.86
CA GLY B 451 4.21 -36.28 22.39
C GLY B 451 5.01 -37.42 22.98
N GLU B 452 5.70 -37.05 24.02
CA GLU B 452 6.52 -37.95 24.82
C GLU B 452 6.40 -37.44 26.25
N LYS B 453 7.15 -38.03 27.16
CA LYS B 453 7.00 -37.71 28.58
C LYS B 453 8.24 -37.03 29.19
N GLU B 454 9.41 -37.45 28.81
CA GLU B 454 10.63 -36.85 29.41
C GLU B 454 10.69 -35.36 29.11
N MET B 455 10.85 -34.78 27.96
CA MET B 455 11.01 -33.36 27.72
C MET B 455 9.81 -32.59 28.23
N ALA B 456 8.64 -33.14 27.92
CA ALA B 456 7.40 -32.54 28.31
C ALA B 456 7.42 -32.26 29.79
N ALA B 457 7.85 -33.24 30.57
CA ALA B 457 7.89 -33.15 32.01
C ALA B 457 8.83 -32.06 32.50
N GLU B 458 10.02 -31.94 31.91
CA GLU B 458 10.96 -30.93 32.34
C GLU B 458 10.50 -29.54 31.90
N LEU B 459 9.88 -29.52 30.74
CA LEU B 459 9.36 -28.33 30.10
C LEU B 459 8.29 -27.79 31.00
N GLU B 460 7.47 -28.70 31.54
CA GLU B 460 6.42 -28.36 32.46
C GLU B 460 7.03 -27.77 33.70
N GLU B 461 8.05 -28.42 34.21
CA GLU B 461 8.77 -27.97 35.40
C GLU B 461 9.32 -26.57 35.18
N LEU B 462 9.79 -26.27 33.97
CA LEU B 462 10.29 -24.96 33.66
C LEU B 462 9.23 -23.89 33.42
N TYR B 463 8.28 -24.09 32.51
CA TYR B 463 7.32 -23.07 32.17
C TYR B 463 6.23 -22.88 33.19
N GLY B 464 5.89 -23.93 33.90
CA GLY B 464 4.87 -23.80 34.91
C GLY B 464 3.51 -24.11 34.32
N ASP B 465 3.14 -23.59 33.16
CA ASP B 465 1.81 -23.85 32.62
C ASP B 465 1.86 -24.13 31.12
N ILE B 466 1.11 -25.06 30.51
CA ILE B 466 1.22 -25.21 29.05
C ILE B 466 0.80 -23.91 28.37
N ASP B 467 -0.16 -23.22 29.02
CA ASP B 467 -0.64 -21.95 28.57
C ASP B 467 0.38 -20.83 28.74
N ALA B 468 1.67 -21.10 28.98
CA ALA B 468 2.73 -20.12 29.10
C ALA B 468 3.94 -20.51 28.23
N LEU B 469 3.74 -21.45 27.30
CA LEU B 469 4.82 -21.86 26.42
C LEU B 469 5.05 -20.72 25.42
N GLU B 470 6.30 -20.26 25.37
CA GLU B 470 6.70 -19.18 24.46
C GLU B 470 6.42 -19.55 23.00
N PHE B 471 6.10 -18.62 22.08
CA PHE B 471 5.82 -18.94 20.67
C PHE B 471 6.93 -19.71 19.93
N TYR B 472 8.14 -19.19 19.81
CA TYR B 472 9.15 -19.96 19.08
C TYR B 472 9.49 -21.30 19.70
N PRO B 473 9.78 -21.49 21.02
CA PRO B 473 10.06 -22.79 21.60
C PRO B 473 8.99 -23.78 21.22
N GLY B 474 7.73 -23.43 21.46
CA GLY B 474 6.62 -24.32 21.19
C GLY B 474 6.55 -24.75 19.74
N LEU B 475 6.86 -23.83 18.85
CA LEU B 475 6.84 -24.08 17.42
C LEU B 475 7.83 -25.17 17.01
N LEU B 476 9.03 -25.04 17.56
CA LEU B 476 10.12 -25.96 17.30
C LEU B 476 10.07 -27.28 18.06
N LEU B 477 9.49 -27.27 19.26
CA LEU B 477 9.38 -28.45 20.10
C LEU B 477 8.12 -29.25 19.91
N GLU B 478 7.14 -28.81 19.13
CA GLU B 478 5.92 -29.57 18.86
C GLU B 478 6.19 -30.81 18.02
N LYS B 479 5.34 -31.80 18.19
CA LYS B 479 5.51 -33.05 17.50
C LYS B 479 5.33 -32.95 16.02
N CYS B 480 6.29 -33.49 15.31
CA CYS B 480 6.20 -33.49 13.87
C CYS B 480 5.03 -34.32 13.43
N HIS B 481 4.47 -33.89 12.30
CA HIS B 481 3.39 -34.62 11.65
C HIS B 481 4.04 -35.92 11.23
N PRO B 482 3.35 -37.08 11.29
CA PRO B 482 3.76 -38.38 10.78
C PRO B 482 5.22 -38.51 10.43
N ASN B 483 5.60 -38.21 9.20
CA ASN B 483 7.02 -38.28 8.89
C ASN B 483 7.30 -37.07 8.03
N SER B 484 7.17 -35.96 8.75
CA SER B 484 7.25 -34.67 8.15
C SER B 484 8.29 -33.84 8.87
N ILE B 485 8.71 -32.78 8.20
CA ILE B 485 9.76 -31.91 8.68
C ILE B 485 9.33 -31.06 9.85
N PHE B 486 8.05 -30.79 10.05
CA PHE B 486 7.58 -30.04 11.19
C PHE B 486 6.19 -30.50 11.45
N GLY B 487 5.47 -29.92 12.40
CA GLY B 487 4.14 -30.37 12.74
C GLY B 487 3.11 -29.28 12.56
N GLU B 488 1.86 -29.64 12.84
CA GLU B 488 0.68 -28.81 12.72
C GLU B 488 0.86 -27.29 12.75
N SER B 489 1.30 -26.71 13.86
CA SER B 489 1.45 -25.27 13.99
C SER B 489 2.32 -24.60 12.94
N MET B 490 3.42 -25.21 12.52
CA MET B 490 4.25 -24.57 11.52
C MET B 490 3.47 -24.36 10.23
N ILE B 491 2.63 -25.30 9.85
CA ILE B 491 1.87 -25.23 8.62
C ILE B 491 0.70 -24.30 8.84
N GLU B 492 -0.13 -24.48 9.86
CA GLU B 492 -1.29 -23.62 10.06
C GLU B 492 -0.99 -22.17 10.35
N MET B 493 0.13 -21.85 11.00
CA MET B 493 0.49 -20.47 11.27
C MET B 493 1.35 -19.97 10.15
N GLY B 494 2.24 -20.77 9.59
CA GLY B 494 3.17 -20.29 8.58
C GLY B 494 2.50 -20.11 7.28
N ALA B 495 1.64 -21.05 6.90
CA ALA B 495 1.09 -21.04 5.57
C ALA B 495 0.38 -19.76 5.23
N PRO B 496 -0.57 -19.18 5.98
CA PRO B 496 -1.17 -17.91 5.63
C PRO B 496 -0.20 -16.75 5.51
N PHE B 497 0.74 -16.56 6.41
CA PHE B 497 1.73 -15.54 6.24
C PHE B 497 2.43 -15.69 4.91
N SER B 498 2.76 -16.91 4.49
CA SER B 498 3.41 -17.14 3.24
C SER B 498 2.57 -16.91 1.99
N LEU B 499 1.34 -17.41 1.93
CA LEU B 499 0.54 -17.22 0.73
C LEU B 499 0.04 -15.80 0.52
N LYS B 500 -0.18 -15.02 1.57
CA LYS B 500 -0.54 -13.63 1.40
C LYS B 500 0.68 -12.93 0.84
N GLY B 501 1.90 -13.12 1.34
CA GLY B 501 3.06 -12.45 0.82
C GLY B 501 3.37 -12.72 -0.66
N LEU B 502 2.96 -13.90 -1.08
CA LEU B 502 3.15 -14.33 -2.44
C LEU B 502 2.07 -13.77 -3.28
N LEU B 503 0.82 -14.10 -3.01
CA LEU B 503 -0.21 -13.59 -3.88
C LEU B 503 -0.63 -12.17 -3.66
N GLY B 504 -0.23 -11.57 -2.58
CA GLY B 504 -0.52 -10.19 -2.33
C GLY B 504 0.58 -9.35 -2.96
N ASN B 505 1.20 -9.83 -4.03
CA ASN B 505 2.29 -9.10 -4.61
C ASN B 505 1.63 -8.30 -5.72
N PRO B 506 1.86 -7.01 -5.97
CA PRO B 506 1.20 -6.23 -6.99
C PRO B 506 1.18 -6.90 -8.35
N ILE B 507 2.23 -7.63 -8.71
CA ILE B 507 2.27 -8.34 -9.96
C ILE B 507 1.10 -9.24 -10.17
N CYS B 508 0.58 -9.86 -9.12
CA CYS B 508 -0.54 -10.76 -9.23
C CYS B 508 -1.83 -10.01 -9.39
N SER B 509 -1.85 -8.67 -9.38
CA SER B 509 -3.10 -7.98 -9.43
C SER B 509 -3.62 -8.00 -10.86
N PRO B 510 -4.94 -7.95 -11.10
CA PRO B 510 -5.51 -7.91 -12.44
C PRO B 510 -4.93 -6.75 -13.20
N GLU B 511 -4.63 -5.66 -12.49
CA GLU B 511 -4.03 -4.50 -13.10
C GLU B 511 -2.67 -4.79 -13.70
N TYR B 512 -1.87 -5.67 -13.11
CA TYR B 512 -0.51 -5.86 -13.57
C TYR B 512 -0.31 -7.15 -14.31
N TRP B 513 -1.00 -8.22 -14.00
CA TRP B 513 -0.69 -9.49 -14.61
C TRP B 513 -1.30 -9.56 -15.98
N LYS B 514 -0.64 -8.85 -16.87
CA LYS B 514 -1.00 -8.70 -18.26
C LYS B 514 0.31 -8.96 -18.94
N ALA B 515 0.30 -9.42 -20.19
CA ALA B 515 1.54 -9.72 -20.88
C ALA B 515 2.46 -8.55 -21.09
N SER B 516 1.93 -7.35 -21.25
CA SER B 516 2.75 -6.18 -21.53
C SER B 516 3.68 -5.80 -20.41
N THR B 517 3.26 -6.05 -19.17
CA THR B 517 4.05 -5.76 -17.98
C THR B 517 5.42 -6.38 -18.08
N PHE B 518 5.38 -7.60 -18.61
CA PHE B 518 6.55 -8.41 -18.78
C PHE B 518 7.25 -8.21 -20.11
N GLY B 519 6.67 -7.41 -20.98
CA GLY B 519 7.25 -7.11 -22.29
C GLY B 519 6.75 -8.05 -23.38
N GLY B 520 5.49 -8.43 -23.33
CA GLY B 520 4.93 -9.25 -24.38
C GLY B 520 5.02 -10.71 -24.01
N GLU B 521 4.49 -11.62 -24.82
CA GLU B 521 4.50 -13.04 -24.50
C GLU B 521 5.83 -13.61 -24.05
N VAL B 522 6.93 -13.18 -24.64
CA VAL B 522 8.28 -13.65 -24.35
C VAL B 522 8.54 -13.58 -22.88
N GLY B 523 8.44 -12.37 -22.35
CA GLY B 523 8.70 -12.14 -20.97
C GLY B 523 7.70 -12.88 -20.12
N PHE B 524 6.44 -12.74 -20.47
CA PHE B 524 5.37 -13.33 -19.72
C PHE B 524 5.46 -14.84 -19.63
N ASN B 525 5.95 -15.49 -20.67
CA ASN B 525 6.07 -16.92 -20.65
C ASN B 525 7.25 -17.33 -19.81
N LEU B 526 8.32 -16.50 -19.75
CA LEU B 526 9.43 -16.81 -18.89
C LEU B 526 8.92 -16.89 -17.45
N VAL B 527 8.02 -16.03 -16.95
CA VAL B 527 7.55 -16.21 -15.57
C VAL B 527 6.61 -17.38 -15.53
N LYS B 528 5.84 -17.64 -16.56
CA LYS B 528 4.88 -18.72 -16.56
C LYS B 528 5.39 -20.13 -16.67
N THR B 529 6.66 -20.31 -17.02
CA THR B 529 7.20 -21.63 -17.07
C THR B 529 8.47 -21.75 -16.25
N ALA B 530 8.80 -20.78 -15.38
CA ALA B 530 10.04 -20.77 -14.63
C ALA B 530 10.19 -22.06 -13.84
N THR B 531 11.39 -22.62 -13.77
CA THR B 531 11.59 -23.87 -13.07
C THR B 531 12.97 -23.84 -12.52
N LEU B 532 13.18 -24.45 -11.34
CA LEU B 532 14.47 -24.38 -10.66
C LEU B 532 15.54 -24.93 -11.58
N LYS B 533 15.24 -26.08 -12.18
CA LYS B 533 16.17 -26.64 -13.14
C LYS B 533 16.44 -25.60 -14.24
N LYS B 534 15.43 -24.97 -14.82
CA LYS B 534 15.67 -24.00 -15.88
C LYS B 534 16.52 -22.86 -15.34
N LEU B 535 16.27 -22.42 -14.12
CA LEU B 535 16.97 -21.29 -13.55
C LEU B 535 18.45 -21.57 -13.47
N VAL B 536 18.76 -22.76 -12.98
CA VAL B 536 20.15 -23.12 -12.78
C VAL B 536 20.78 -23.54 -14.08
N CYS B 537 20.16 -24.47 -14.79
CA CYS B 537 20.77 -24.98 -15.97
C CYS B 537 20.90 -24.04 -17.12
N LEU B 538 19.99 -23.09 -17.34
CA LEU B 538 20.18 -22.13 -18.42
C LEU B 538 21.23 -21.09 -18.09
N ASN B 539 21.84 -21.13 -16.92
CA ASN B 539 22.82 -20.13 -16.59
C ASN B 539 24.13 -20.76 -16.17
N THR B 540 24.30 -22.03 -16.53
CA THR B 540 25.45 -22.80 -16.11
C THR B 540 25.98 -23.45 -17.39
N LYS B 541 27.28 -23.77 -17.57
CA LYS B 541 27.65 -24.43 -18.83
C LYS B 541 27.25 -25.87 -18.86
N THR B 542 26.82 -26.50 -17.76
CA THR B 542 26.46 -27.89 -17.85
C THR B 542 25.47 -28.15 -16.70
N CYS B 543 24.43 -28.93 -16.98
CA CYS B 543 23.36 -29.11 -16.04
C CYS B 543 23.68 -30.18 -15.01
N PRO B 544 23.76 -29.87 -13.72
CA PRO B 544 23.94 -30.83 -12.67
C PRO B 544 22.62 -31.42 -12.25
N TYR B 545 22.59 -32.14 -11.13
CA TYR B 545 21.34 -32.65 -10.58
C TYR B 545 20.84 -31.38 -9.92
N VAL B 546 19.61 -30.92 -10.17
CA VAL B 546 19.18 -29.72 -9.48
C VAL B 546 17.83 -30.09 -8.92
N SER B 547 17.68 -29.98 -7.60
CA SER B 547 16.41 -30.33 -6.98
C SER B 547 16.37 -29.81 -5.56
N PHE B 548 15.17 -29.72 -5.04
CA PHE B 548 14.96 -29.37 -3.65
C PHE B 548 14.90 -30.66 -2.84
N HIS B 549 14.90 -31.75 -3.59
CA HIS B 549 14.72 -33.11 -3.16
C HIS B 549 16.05 -33.82 -3.22
N VAL B 550 16.25 -34.68 -2.25
CA VAL B 550 17.41 -35.52 -2.22
C VAL B 550 17.09 -36.66 -3.18
N PRO B 551 18.10 -37.04 -3.96
CA PRO B 551 17.95 -37.97 -5.06
C PRO B 551 17.37 -39.34 -4.78
N ASP B 552 16.83 -39.76 -5.92
CA ASP B 552 16.17 -41.02 -6.27
C ASP B 552 15.21 -41.74 -5.32
N PRO B 553 14.83 -41.15 -4.17
CA PRO B 553 15.10 -41.74 -2.85
C PRO B 553 16.24 -42.79 -2.79
N ARG B 554 17.37 -42.24 -2.32
CA ARG B 554 18.54 -43.04 -2.03
C ARG B 554 18.46 -43.58 -0.58
CHA HEM C . -1.35 25.90 -6.20
CHB HEM C . -5.93 24.81 -5.51
CHC HEM C . -6.76 29.27 -3.98
CHD HEM C . -2.32 30.47 -5.19
C1A HEM C . -2.50 25.18 -6.03
C2A HEM C . -2.63 23.72 -6.16
C3A HEM C . -3.93 23.46 -6.05
C4A HEM C . -4.60 24.71 -5.79
CMA HEM C . -4.54 22.08 -6.19
CAA HEM C . -1.52 22.66 -6.35
CBA HEM C . -0.63 22.37 -5.13
CGA HEM C . 0.65 21.55 -5.40
O1A HEM C . 1.73 21.93 -4.97
O2A HEM C . 0.58 20.49 -6.02
C1B HEM C . -6.56 25.95 -5.05
C2B HEM C . -7.95 25.98 -4.66
C3B HEM C . -8.16 27.23 -4.20
C4B HEM C . -6.92 27.97 -4.34
CMB HEM C . -8.97 24.83 -4.72
CAB HEM C . -9.33 27.70 -3.64
CBB HEM C . -10.37 28.34 -4.42
C1C HEM C . -5.60 29.97 -4.09
C2C HEM C . -5.45 31.40 -3.74
C3C HEM C . -4.21 31.71 -4.12
C4C HEM C . -3.60 30.53 -4.70
CMC HEM C . -6.40 32.37 -3.08
CAC HEM C . -3.66 32.97 -3.99
CBC HEM C . -2.74 33.27 -2.92
C1D HEM C . -1.67 29.34 -5.62
C2D HEM C . -0.24 29.27 -5.90
C3D HEM C . 0.04 27.98 -6.14
C4D HEM C . -1.22 27.27 -6.04
CMD HEM C . 0.76 30.42 -5.87
CAD HEM C . 1.44 27.38 -6.22
CBD HEM C . 2.33 27.78 -7.41
CGD HEM C . 2.05 27.17 -8.80
O1D HEM C . 1.22 26.25 -8.94
O2D HEM C . 2.70 27.64 -9.74
NA HEM C . -3.72 25.77 -5.74
NB HEM C . -5.94 27.17 -4.86
NC HEM C . -4.44 29.46 -4.65
ND HEM C . -2.26 28.10 -5.68
FE HEM C . -4.07 27.65 -5.27
CHA HEM D . 19.11 -14.81 11.33
CHB HEM D . 16.82 -18.01 8.65
CHC HEM D . 20.91 -20.43 8.06
CHD HEM D . 23.04 -17.53 11.17
C1A HEM D . 18.15 -15.40 10.54
C2A HEM D . 16.82 -14.85 10.26
C3A HEM D . 16.18 -15.81 9.58
C4A HEM D . 17.10 -16.89 9.39
CMA HEM D . 14.74 -15.71 9.14
CAA HEM D . 16.25 -13.47 10.61
CBA HEM D . 16.80 -12.26 9.80
CGA HEM D . 16.45 -10.86 10.34
O1A HEM D . 17.32 -10.02 10.47
O2A HEM D . 15.28 -10.58 10.60
C1B HEM D . 17.74 -18.96 8.28
C2B HEM D . 17.42 -20.06 7.39
C3B HEM D . 18.59 -20.71 7.21
C4B HEM D . 19.61 -20.04 8.00
CMB HEM D . 16.07 -20.40 6.76
CAB HEM D . 18.80 -21.78 6.37
CBB HEM D . 18.67 -23.16 6.81
C1C HEM D . 21.88 -19.80 8.78
C2C HEM D . 23.27 -20.26 8.89
C3C HEM D . 23.83 -19.45 9.79
C4C HEM D . 22.82 -18.52 10.24
CMC HEM D . 24.02 -21.36 8.16
CAC HEM D . 25.15 -19.54 10.19
CBC HEM D . 26.15 -18.65 9.68
C1D HEM D . 22.14 -16.55 11.53
C2D HEM D . 22.48 -15.38 12.32
C3D HEM D . 21.39 -14.59 12.32
C4D HEM D . 20.38 -15.30 11.57
CMD HEM D . 23.82 -15.06 12.97
CAD HEM D . 21.36 -13.14 12.80
CBD HEM D . 21.54 -12.86 14.30
CGD HEM D . 20.38 -13.16 15.28
O1D HEM D . 19.24 -13.46 14.85
O2D HEM D . 20.64 -13.06 16.48
NA HEM D . 18.33 -16.63 9.97
NB HEM D . 19.08 -18.97 8.65
NC HEM D . 21.63 -18.72 9.61
ND HEM D . 20.86 -16.48 11.05
FE HEM D . 19.99 -17.70 9.86
#